data_4LMF
#
_entry.id   4LMF
#
_cell.length_a   67.876
_cell.length_b   71.668
_cell.length_c   157.723
_cell.angle_alpha   90.000
_cell.angle_beta   95.930
_cell.angle_gamma   90.000
#
_symmetry.space_group_name_H-M   'P 1 21 1'
#
loop_
_entity.id
_entity.type
_entity.pdbx_description
1 polymer 'Complement C1s subcomponent heavy chain'
2 non-polymer 'SODIUM ION'
3 non-polymer 'CALCIUM ION'
#
_entity_poly.entity_id   1
_entity_poly.type   'polypeptide(L)'
_entity_poly.pdbx_seq_one_letter_code
;PTMYGEILSPNYPQAYPSEVEKSWDIEVPEGYGIHLYFTHLDIELSENCAYDSVQIISGDTEEGRLCGQRSSNNPHSPIV
EEFQVPYNKLQVIFKSDFSNEERFTGFAAYYVATDINECTDFVDVPCSHFCNNFIGGYFCSCPPEYFLHDDMKNCGVNCS
GDVFTALIGEIASPNYPKPYPENSRCEYQIRLEKGFQVVVTLRREDFDVEAADSAGNCLDSLVFVAGDRQFGPYCGHGFP
GPLNIETKSNALDIIFQTDLTGQKKGWKLRYHGDPM
;
_entity_poly.pdbx_strand_id   A,B,C,D
#
loop_
_chem_comp.id
_chem_comp.type
_chem_comp.name
_chem_comp.formula
CA non-polymer 'CALCIUM ION' 'Ca 2'
NA non-polymer 'SODIUM ION' 'Na 1'
#
# COMPACT_ATOMS: atom_id res chain seq x y z
N PRO A 1 -14.22 4.13 -43.49
CA PRO A 1 -14.38 3.79 -42.06
C PRO A 1 -15.59 2.90 -41.82
N THR A 2 -15.36 1.59 -41.68
CA THR A 2 -16.45 0.64 -41.50
C THR A 2 -16.20 -0.28 -40.31
N MET A 3 -17.24 -1.01 -39.90
CA MET A 3 -17.12 -1.93 -38.78
C MET A 3 -16.92 -3.37 -39.25
N TYR A 4 -17.31 -3.62 -40.50
CA TYR A 4 -17.22 -4.96 -41.08
C TYR A 4 -17.23 -4.91 -42.60
N GLY A 5 -17.11 -6.06 -43.24
CA GLY A 5 -17.15 -6.13 -44.69
C GLY A 5 -16.55 -7.40 -45.27
N GLU A 6 -16.73 -7.60 -46.57
CA GLU A 6 -16.18 -8.76 -47.26
C GLU A 6 -15.19 -8.38 -48.35
N ILE A 7 -14.29 -9.30 -48.68
CA ILE A 7 -13.33 -9.10 -49.75
C ILE A 7 -13.31 -10.33 -50.64
N LEU A 8 -13.88 -10.18 -51.83
CA LEU A 8 -13.96 -11.31 -52.75
C LEU A 8 -12.96 -11.15 -53.88
N SER A 9 -12.35 -12.27 -54.28
CA SER A 9 -11.46 -12.28 -55.43
C SER A 9 -12.26 -11.98 -56.68
N PRO A 10 -11.60 -11.43 -57.71
CA PRO A 10 -12.28 -11.16 -58.99
C PRO A 10 -12.95 -12.41 -59.55
N ASN A 11 -14.25 -12.29 -59.84
CA ASN A 11 -15.06 -13.36 -60.45
C ASN A 11 -15.37 -14.51 -59.49
N TYR A 12 -15.22 -14.28 -58.19
CA TYR A 12 -15.65 -15.25 -57.18
C TYR A 12 -17.15 -15.47 -57.31
N PRO A 13 -17.62 -16.72 -57.16
CA PRO A 13 -16.90 -17.94 -56.81
C PRO A 13 -16.31 -18.68 -57.99
N GLN A 14 -16.32 -18.07 -59.17
CA GLN A 14 -15.78 -18.70 -60.37
C GLN A 14 -14.29 -18.42 -60.50
N ALA A 15 -13.70 -18.85 -61.60
CA ALA A 15 -12.26 -18.71 -61.78
C ALA A 15 -11.86 -17.25 -61.89
N TYR A 16 -10.75 -16.91 -61.23
CA TYR A 16 -10.27 -15.54 -61.31
C TYR A 16 -9.48 -15.35 -62.60
N PRO A 17 -9.59 -14.17 -63.22
CA PRO A 17 -8.87 -13.88 -64.45
C PRO A 17 -7.36 -13.93 -64.27
N SER A 18 -6.64 -14.14 -65.36
CA SER A 18 -5.19 -14.07 -65.36
C SER A 18 -4.82 -12.61 -65.53
N GLU A 19 -3.58 -12.26 -65.19
CA GLU A 19 -3.04 -10.88 -65.28
C GLU A 19 -3.95 -9.86 -64.59
N VAL A 20 -4.17 -10.05 -63.29
CA VAL A 20 -4.95 -9.08 -62.52
C VAL A 20 -4.14 -8.61 -61.31
N GLU A 21 -4.46 -7.41 -60.84
CA GLU A 21 -3.81 -6.83 -59.68
C GLU A 21 -4.80 -5.90 -58.99
N LYS A 22 -5.52 -6.43 -58.01
CA LYS A 22 -6.53 -5.67 -57.29
C LYS A 22 -6.07 -5.44 -55.86
N SER A 23 -6.40 -4.27 -55.30
CA SER A 23 -5.98 -3.94 -53.95
C SER A 23 -7.15 -3.43 -53.10
N TRP A 24 -7.12 -3.78 -51.82
CA TRP A 24 -8.16 -3.34 -50.89
C TRP A 24 -7.55 -2.64 -49.69
N ASP A 25 -8.04 -1.44 -49.39
CA ASP A 25 -7.63 -0.70 -48.21
C ASP A 25 -8.72 -0.76 -47.17
N ILE A 26 -8.45 -1.46 -46.07
CA ILE A 26 -9.46 -1.62 -45.04
C ILE A 26 -9.21 -0.62 -43.92
N GLU A 27 -10.27 0.03 -43.46
CA GLU A 27 -10.14 1.02 -42.40
C GLU A 27 -11.30 0.91 -41.44
N VAL A 28 -10.98 0.66 -40.17
CA VAL A 28 -11.97 0.68 -39.11
C VAL A 28 -11.68 1.92 -38.27
N PRO A 29 -12.65 2.37 -37.46
CA PRO A 29 -12.43 3.58 -36.67
C PRO A 29 -11.28 3.46 -35.67
N GLU A 30 -10.87 4.58 -35.09
CA GLU A 30 -9.81 4.58 -34.11
C GLU A 30 -10.33 4.04 -32.79
N GLY A 31 -9.48 3.30 -32.08
CA GLY A 31 -9.90 2.60 -30.88
C GLY A 31 -10.30 1.18 -31.21
N TYR A 32 -10.24 0.83 -32.48
CA TYR A 32 -10.58 -0.51 -32.94
C TYR A 32 -9.40 -1.18 -33.65
N GLY A 33 -9.35 -2.51 -33.55
CA GLY A 33 -8.40 -3.29 -34.32
C GLY A 33 -9.13 -3.98 -35.46
N ILE A 34 -8.51 -4.99 -36.06
CA ILE A 34 -9.11 -5.70 -37.18
C ILE A 34 -8.90 -7.20 -37.10
N HIS A 35 -10.00 -7.94 -37.20
CA HIS A 35 -9.95 -9.39 -37.33
C HIS A 35 -10.28 -9.79 -38.76
N LEU A 36 -9.28 -10.28 -39.47
CA LEU A 36 -9.45 -10.71 -40.87
C LEU A 36 -9.36 -12.22 -40.98
N TYR A 37 -10.39 -12.84 -41.54
CA TYR A 37 -10.39 -14.30 -41.68
C TYR A 37 -10.82 -14.76 -43.07
N PHE A 38 -10.17 -15.81 -43.55
CA PHE A 38 -10.43 -16.35 -44.89
C PHE A 38 -11.32 -17.59 -44.81
N THR A 39 -12.39 -17.58 -45.59
CA THR A 39 -13.36 -18.68 -45.59
C THR A 39 -13.22 -19.54 -46.84
N HIS A 40 -12.41 -19.07 -47.78
CA HIS A 40 -12.21 -19.79 -49.04
C HIS A 40 -10.83 -19.45 -49.60
N LEU A 41 -10.08 -20.48 -50.00
CA LEU A 41 -8.77 -20.27 -50.59
C LEU A 41 -8.50 -21.32 -51.66
N ASP A 42 -8.49 -20.88 -52.92
CA ASP A 42 -8.25 -21.76 -54.05
C ASP A 42 -7.41 -21.01 -55.09
N ILE A 43 -6.10 -21.00 -54.88
CA ILE A 43 -5.19 -20.20 -55.67
C ILE A 43 -4.04 -21.06 -56.20
N GLU A 44 -3.54 -20.72 -57.39
CA GLU A 44 -2.41 -21.45 -57.98
C GLU A 44 -1.21 -21.49 -57.05
N LEU A 45 -0.77 -22.71 -56.74
CA LEU A 45 0.34 -22.92 -55.80
C LEU A 45 1.69 -22.77 -56.50
N SER A 46 2.62 -22.11 -55.82
CA SER A 46 3.97 -21.91 -56.34
C SER A 46 4.95 -21.62 -55.20
N GLU A 47 6.24 -21.76 -55.47
CA GLU A 47 7.26 -21.51 -54.46
C GLU A 47 7.28 -20.03 -54.07
N ASN A 48 7.21 -19.78 -52.76
CA ASN A 48 7.12 -18.43 -52.21
C ASN A 48 5.94 -17.64 -52.76
N CYS A 49 4.95 -18.36 -53.30
CA CYS A 49 3.76 -17.76 -53.89
C CYS A 49 4.11 -16.69 -54.92
N ALA A 50 5.05 -17.03 -55.81
CA ALA A 50 5.57 -16.08 -56.78
C ALA A 50 4.54 -15.73 -57.87
N TYR A 51 3.86 -16.75 -58.39
CA TYR A 51 2.96 -16.54 -59.52
C TYR A 51 1.67 -15.88 -59.06
N ASP A 52 0.81 -16.65 -58.42
CA ASP A 52 -0.44 -16.11 -57.89
C ASP A 52 -0.39 -16.07 -56.37
N SER A 53 -0.90 -14.99 -55.79
CA SER A 53 -0.88 -14.81 -54.34
C SER A 53 -1.85 -13.74 -53.87
N VAL A 54 -2.31 -13.88 -52.64
CA VAL A 54 -3.01 -12.80 -51.95
C VAL A 54 -2.17 -12.37 -50.76
N GLN A 55 -1.98 -11.07 -50.62
CA GLN A 55 -1.03 -10.53 -49.65
C GLN A 55 -1.72 -9.65 -48.62
N ILE A 56 -1.33 -9.80 -47.36
CA ILE A 56 -1.91 -9.00 -46.29
C ILE A 56 -0.85 -8.12 -45.64
N ILE A 57 -1.08 -6.81 -45.64
CA ILE A 57 -0.14 -5.87 -45.06
C ILE A 57 -0.82 -5.04 -43.97
N SER A 58 -0.35 -5.19 -42.73
CA SER A 58 -0.90 -4.43 -41.62
C SER A 58 0.12 -3.45 -41.07
N GLY A 59 -0.27 -2.18 -40.95
CA GLY A 59 0.63 -1.16 -40.48
C GLY A 59 1.90 -1.04 -41.30
N ASP A 60 2.98 -1.58 -40.76
CA ASP A 60 4.30 -1.42 -41.36
C ASP A 60 4.96 -2.76 -41.70
N THR A 61 4.31 -3.86 -41.33
CA THR A 61 4.87 -5.18 -41.61
C THR A 61 3.94 -6.04 -42.45
N GLU A 62 4.51 -7.05 -43.09
CA GLU A 62 3.75 -7.98 -43.91
C GLU A 62 3.20 -9.10 -43.03
N GLU A 63 1.88 -9.21 -42.94
CA GLU A 63 1.27 -10.21 -42.06
C GLU A 63 1.20 -11.58 -42.71
N GLY A 64 1.07 -11.63 -44.02
CA GLY A 64 0.96 -12.91 -44.70
C GLY A 64 0.93 -12.84 -46.20
N ARG A 65 1.26 -13.97 -46.82
CA ARG A 65 1.22 -14.10 -48.27
C ARG A 65 0.65 -15.49 -48.52
N LEU A 66 -0.46 -15.57 -49.26
CA LEU A 66 -1.23 -16.81 -49.31
C LEU A 66 -1.46 -17.33 -50.73
N CYS A 67 -1.27 -18.63 -50.90
CA CYS A 67 -1.56 -19.31 -52.15
C CYS A 67 -1.87 -20.78 -51.86
N GLY A 68 -2.13 -21.55 -52.92
CA GLY A 68 -2.44 -22.96 -52.76
C GLY A 68 -3.92 -23.26 -52.65
N GLN A 69 -4.23 -24.50 -52.29
CA GLN A 69 -5.60 -24.96 -52.17
C GLN A 69 -5.79 -25.69 -50.84
N ARG A 70 -6.52 -25.07 -49.92
CA ARG A 70 -6.74 -25.65 -48.60
C ARG A 70 -8.18 -25.43 -48.15
N SER A 71 -8.73 -26.41 -47.43
CA SER A 71 -10.10 -26.35 -46.96
C SER A 71 -10.20 -26.30 -45.44
N SER A 72 -11.42 -26.21 -44.93
CA SER A 72 -11.63 -26.19 -43.50
C SER A 72 -11.74 -27.61 -42.95
N ASN A 73 -10.76 -28.00 -42.15
CA ASN A 73 -10.76 -29.33 -41.55
C ASN A 73 -11.65 -29.38 -40.31
N ASN A 74 -11.97 -28.20 -39.78
CA ASN A 74 -12.89 -28.07 -38.65
C ASN A 74 -14.31 -27.90 -39.17
N PRO A 75 -15.19 -28.86 -38.88
CA PRO A 75 -16.58 -28.82 -39.35
C PRO A 75 -17.40 -27.69 -38.72
N HIS A 76 -16.88 -27.07 -37.66
CA HIS A 76 -17.61 -26.04 -36.95
C HIS A 76 -17.16 -24.62 -37.35
N SER A 77 -16.36 -24.53 -38.40
CA SER A 77 -15.93 -23.23 -38.92
C SER A 77 -15.46 -23.35 -40.37
N PRO A 78 -15.81 -22.36 -41.21
CA PRO A 78 -15.36 -22.33 -42.59
C PRO A 78 -14.02 -21.63 -42.72
N ILE A 79 -13.48 -21.16 -41.59
CA ILE A 79 -12.24 -20.40 -41.57
C ILE A 79 -11.03 -21.30 -41.79
N VAL A 80 -10.16 -20.89 -42.71
CA VAL A 80 -8.95 -21.65 -43.03
C VAL A 80 -7.71 -20.84 -42.67
N GLU A 81 -7.84 -19.52 -42.72
CA GLU A 81 -6.78 -18.61 -42.32
C GLU A 81 -7.37 -17.35 -41.70
N GLU A 82 -6.76 -16.86 -40.63
CA GLU A 82 -7.22 -15.62 -40.02
C GLU A 82 -6.07 -14.77 -39.47
N PHE A 83 -6.33 -13.49 -39.28
CA PHE A 83 -5.32 -12.55 -38.80
C PHE A 83 -5.94 -11.57 -37.80
N GLN A 84 -5.19 -11.26 -36.76
CA GLN A 84 -5.65 -10.31 -35.76
C GLN A 84 -4.63 -9.20 -35.58
N VAL A 85 -5.00 -7.98 -35.95
CA VAL A 85 -4.08 -6.85 -35.85
C VAL A 85 -4.68 -5.74 -34.98
N PRO A 86 -3.82 -5.07 -34.19
CA PRO A 86 -4.24 -4.02 -33.26
C PRO A 86 -4.28 -2.64 -33.92
N TYR A 87 -4.21 -2.62 -35.24
CA TYR A 87 -4.24 -1.36 -35.97
C TYR A 87 -5.59 -1.16 -36.64
N ASN A 88 -5.93 0.08 -36.96
CA ASN A 88 -7.22 0.39 -37.56
C ASN A 88 -7.20 0.39 -39.08
N LYS A 89 -6.05 0.08 -39.65
CA LYS A 89 -5.92 -0.01 -41.09
C LYS A 89 -5.25 -1.30 -41.52
N LEU A 90 -5.63 -1.78 -42.70
CA LEU A 90 -5.17 -3.07 -43.21
C LEU A 90 -5.20 -3.07 -44.73
N GLN A 91 -4.25 -3.78 -45.33
CA GLN A 91 -4.14 -3.82 -46.79
C GLN A 91 -4.14 -5.24 -47.33
N VAL A 92 -4.97 -5.47 -48.34
CA VAL A 92 -5.02 -6.75 -49.02
C VAL A 92 -4.74 -6.57 -50.50
N ILE A 93 -3.83 -7.38 -51.05
CA ILE A 93 -3.46 -7.29 -52.46
C ILE A 93 -3.56 -8.66 -53.13
N PHE A 94 -4.22 -8.72 -54.28
CA PHE A 94 -4.32 -9.98 -55.01
C PHE A 94 -3.66 -9.90 -56.39
N LYS A 95 -2.72 -10.80 -56.65
CA LYS A 95 -2.03 -10.84 -57.93
C LYS A 95 -2.23 -12.18 -58.63
N SER A 96 -2.59 -12.13 -59.91
CA SER A 96 -2.68 -13.32 -60.74
C SER A 96 -1.75 -13.14 -61.93
N ASP A 97 -1.06 -14.20 -62.32
CA ASP A 97 -0.07 -14.08 -63.37
C ASP A 97 -0.69 -14.28 -64.75
N PHE A 98 0.16 -14.52 -65.74
CA PHE A 98 -0.24 -14.59 -67.15
C PHE A 98 -1.24 -15.71 -67.49
N SER A 99 -1.08 -16.90 -66.91
CA SER A 99 -1.94 -18.02 -67.30
C SER A 99 -2.33 -18.93 -66.14
N ASN A 100 -3.50 -19.55 -66.28
CA ASN A 100 -4.07 -20.43 -65.28
C ASN A 100 -4.37 -21.82 -65.83
N GLU A 101 -3.52 -22.81 -65.56
CA GLU A 101 -3.71 -24.15 -66.15
C GLU A 101 -4.96 -24.86 -65.63
N GLU A 102 -5.16 -24.84 -64.32
CA GLU A 102 -6.34 -25.45 -63.71
C GLU A 102 -7.41 -24.43 -63.31
N ARG A 103 -8.52 -24.94 -62.77
CA ARG A 103 -9.63 -24.11 -62.34
C ARG A 103 -9.46 -23.62 -60.91
N PHE A 104 -8.92 -22.41 -60.77
CA PHE A 104 -8.72 -21.84 -59.45
C PHE A 104 -9.76 -20.75 -59.22
N THR A 105 -10.40 -20.78 -58.04
CA THR A 105 -11.56 -19.93 -57.80
C THR A 105 -11.25 -18.73 -56.89
N GLY A 106 -10.00 -18.59 -56.48
CA GLY A 106 -9.58 -17.43 -55.74
C GLY A 106 -9.78 -17.54 -54.23
N PHE A 107 -10.41 -16.52 -53.65
CA PHE A 107 -10.57 -16.46 -52.20
C PHE A 107 -11.79 -15.64 -51.77
N ALA A 108 -12.31 -15.97 -50.59
CA ALA A 108 -13.30 -15.13 -49.93
C ALA A 108 -12.80 -14.84 -48.53
N ALA A 109 -12.98 -13.60 -48.07
CA ALA A 109 -12.49 -13.21 -46.77
C ALA A 109 -13.35 -12.11 -46.18
N TYR A 110 -13.44 -12.10 -44.85
CA TYR A 110 -14.25 -11.12 -44.16
C TYR A 110 -13.43 -10.46 -43.06
N TYR A 111 -13.80 -9.23 -42.72
CA TYR A 111 -13.15 -8.54 -41.62
C TYR A 111 -14.18 -7.89 -40.71
N VAL A 112 -13.89 -7.89 -39.41
CA VAL A 112 -14.71 -7.17 -38.45
C VAL A 112 -13.81 -6.33 -37.55
N ALA A 113 -14.33 -5.20 -37.08
CA ALA A 113 -13.58 -4.35 -36.17
C ALA A 113 -13.64 -4.91 -34.76
N THR A 114 -12.50 -4.92 -34.08
CA THR A 114 -12.43 -5.37 -32.69
C THR A 114 -12.02 -4.23 -31.77
N ASP A 115 -12.64 -4.15 -30.60
CA ASP A 115 -12.31 -3.11 -29.65
C ASP A 115 -10.92 -3.31 -29.04
N ILE A 116 -10.23 -2.20 -28.78
CA ILE A 116 -8.95 -2.24 -28.09
C ILE A 116 -9.19 -1.96 -26.62
N ASN A 117 -8.60 -2.77 -25.74
CA ASN A 117 -8.68 -2.48 -24.32
C ASN A 117 -7.49 -1.64 -23.91
N GLU A 118 -7.66 -0.32 -24.01
CA GLU A 118 -6.59 0.64 -23.70
C GLU A 118 -6.10 0.51 -22.26
N CYS A 119 -6.94 -0.09 -21.41
CA CYS A 119 -6.60 -0.25 -20.00
C CYS A 119 -5.60 -1.39 -19.76
N THR A 120 -5.54 -2.35 -20.69
CA THR A 120 -4.71 -3.54 -20.49
C THR A 120 -3.70 -3.79 -21.61
N ASP A 121 -4.07 -3.43 -22.84
CA ASP A 121 -3.23 -3.75 -24.00
C ASP A 121 -2.05 -2.80 -24.10
N PHE A 122 -2.25 -1.55 -23.70
CA PHE A 122 -1.19 -0.55 -23.74
C PHE A 122 -0.07 -0.95 -22.78
N VAL A 123 1.16 -0.54 -23.10
CA VAL A 123 2.31 -0.87 -22.26
C VAL A 123 2.33 -0.01 -21.00
N ASP A 124 1.80 1.21 -21.11
CA ASP A 124 1.72 2.10 -19.96
C ASP A 124 0.31 2.66 -19.80
N VAL A 125 -0.27 2.46 -18.61
CA VAL A 125 -1.65 2.84 -18.32
C VAL A 125 -1.89 4.33 -18.56
N PRO A 126 -2.97 4.65 -19.29
CA PRO A 126 -3.29 6.03 -19.71
C PRO A 126 -4.07 6.80 -18.65
N CYS A 127 -4.20 6.23 -17.46
CA CYS A 127 -4.93 6.87 -16.36
C CYS A 127 -4.12 6.82 -15.07
N SER A 128 -4.24 7.88 -14.27
CA SER A 128 -3.48 7.97 -13.03
C SER A 128 -4.02 7.01 -11.97
N HIS A 129 -5.34 6.80 -12.00
CA HIS A 129 -5.98 5.95 -11.00
C HIS A 129 -6.74 4.80 -11.64
N PHE A 130 -7.99 5.04 -12.02
CA PHE A 130 -8.81 3.98 -12.58
C PHE A 130 -9.00 4.14 -14.08
N CYS A 131 -8.94 3.03 -14.79
CA CYS A 131 -9.17 3.04 -16.23
C CYS A 131 -10.48 2.32 -16.53
N ASN A 132 -11.32 2.96 -17.33
CA ASN A 132 -12.61 2.38 -17.69
C ASN A 132 -12.69 2.18 -19.18
N ASN A 133 -12.58 0.93 -19.62
CA ASN A 133 -12.63 0.61 -21.03
C ASN A 133 -14.07 0.53 -21.54
N PHE A 134 -14.29 1.06 -22.73
CA PHE A 134 -15.53 0.83 -23.46
C PHE A 134 -15.22 0.65 -24.95
N ILE A 135 -16.27 0.49 -25.75
CA ILE A 135 -16.09 0.18 -27.17
C ILE A 135 -15.78 1.43 -27.99
N GLY A 136 -14.60 1.46 -28.59
CA GLY A 136 -14.18 2.57 -29.42
C GLY A 136 -13.35 3.60 -28.68
N GLY A 137 -13.10 3.35 -27.40
CA GLY A 137 -12.35 4.28 -26.58
C GLY A 137 -12.15 3.82 -25.15
N TYR A 138 -11.89 4.79 -24.27
CA TYR A 138 -11.72 4.54 -22.84
C TYR A 138 -11.89 5.85 -22.11
N PHE A 139 -12.16 5.80 -20.81
CA PHE A 139 -12.15 7.01 -20.00
C PHE A 139 -11.60 6.76 -18.62
N CYS A 140 -11.08 7.81 -18.00
CA CYS A 140 -10.45 7.72 -16.70
C CYS A 140 -11.40 8.22 -15.62
N SER A 141 -11.32 7.62 -14.44
CA SER A 141 -12.19 7.99 -13.34
C SER A 141 -11.35 8.15 -12.07
N CYS A 142 -11.89 8.92 -11.12
CA CYS A 142 -11.11 9.29 -9.94
C CYS A 142 -11.83 8.84 -8.66
N PRO A 143 -11.06 8.58 -7.60
CA PRO A 143 -11.63 8.27 -6.29
C PRO A 143 -12.38 9.48 -5.71
N PRO A 144 -13.20 9.27 -4.67
CA PRO A 144 -13.98 10.36 -4.06
C PRO A 144 -13.12 11.57 -3.68
N GLU A 145 -13.64 12.76 -3.97
CA GLU A 145 -13.00 14.04 -3.64
C GLU A 145 -11.76 14.29 -4.50
N TYR A 146 -11.55 13.45 -5.50
CA TYR A 146 -10.54 13.69 -6.51
C TYR A 146 -11.23 14.14 -7.79
N PHE A 147 -10.51 14.87 -8.64
CA PHE A 147 -11.13 15.41 -9.84
C PHE A 147 -10.22 15.27 -11.05
N LEU A 148 -10.84 15.11 -12.22
CA LEU A 148 -10.11 14.86 -13.45
C LEU A 148 -9.57 16.16 -14.04
N HIS A 149 -8.25 16.21 -14.19
CA HIS A 149 -7.57 17.36 -14.79
C HIS A 149 -8.03 17.56 -16.25
N ASP A 150 -7.62 18.67 -16.85
CA ASP A 150 -8.04 19.03 -18.21
C ASP A 150 -7.50 18.07 -19.28
N ASP A 151 -6.58 17.19 -18.89
CA ASP A 151 -6.03 16.22 -19.83
C ASP A 151 -6.85 14.95 -19.86
N MET A 152 -7.88 14.89 -19.01
CA MET A 152 -8.76 13.73 -18.89
C MET A 152 -7.95 12.47 -18.60
N LYS A 153 -6.92 12.61 -17.77
CA LYS A 153 -6.03 11.48 -17.46
C LYS A 153 -5.64 11.44 -15.99
N ASN A 154 -5.37 12.60 -15.40
CA ASN A 154 -4.86 12.66 -14.04
C ASN A 154 -5.90 13.10 -13.02
N CYS A 155 -5.90 12.43 -11.87
CA CYS A 155 -6.80 12.77 -10.77
C CYS A 155 -6.03 13.49 -9.67
N GLY A 156 -6.67 14.48 -9.06
CA GLY A 156 -6.07 15.21 -7.97
C GLY A 156 -7.15 15.90 -7.16
N VAL A 157 -6.82 16.34 -5.95
CA VAL A 157 -7.80 17.01 -5.10
C VAL A 157 -7.87 18.50 -5.40
N ASN A 158 -8.99 19.10 -5.00
CA ASN A 158 -9.16 20.55 -5.11
C ASN A 158 -8.58 21.23 -3.88
N CYS A 159 -7.37 21.77 -4.02
CA CYS A 159 -6.70 22.41 -2.89
C CYS A 159 -6.23 23.81 -3.29
N SER A 160 -6.96 24.44 -4.20
CA SER A 160 -6.71 25.81 -4.61
C SER A 160 -7.94 26.69 -4.41
N GLY A 161 -7.78 27.99 -4.63
CA GLY A 161 -8.91 28.91 -4.58
C GLY A 161 -8.70 30.14 -3.71
N ASP A 162 -8.68 29.95 -2.40
CA ASP A 162 -8.60 31.06 -1.43
C ASP A 162 -7.42 31.99 -1.67
N VAL A 163 -7.71 33.29 -1.76
CA VAL A 163 -6.69 34.32 -1.81
C VAL A 163 -6.55 34.98 -0.44
N PHE A 164 -5.33 35.08 0.06
CA PHE A 164 -5.08 35.63 1.39
C PHE A 164 -4.73 37.11 1.30
N THR A 165 -5.45 37.93 2.05
CA THR A 165 -5.25 39.38 2.03
C THR A 165 -4.97 39.92 3.43
N ALA A 166 -5.23 39.11 4.44
CA ALA A 166 -4.96 39.49 5.82
C ALA A 166 -3.46 39.69 6.01
N LEU A 167 -3.09 40.60 6.92
CA LEU A 167 -1.69 40.95 7.11
C LEU A 167 -0.91 39.84 7.82
N ILE A 168 -1.64 38.91 8.44
CA ILE A 168 -1.05 37.70 9.02
C ILE A 168 -1.97 36.52 8.74
N GLY A 169 -1.39 35.33 8.61
CA GLY A 169 -2.19 34.16 8.31
C GLY A 169 -1.46 32.83 8.46
N GLU A 170 -2.24 31.76 8.41
CA GLU A 170 -1.72 30.41 8.59
C GLU A 170 -2.13 29.52 7.43
N ILE A 171 -1.18 28.83 6.83
CA ILE A 171 -1.45 27.95 5.71
C ILE A 171 -0.80 26.59 5.94
N ALA A 172 -1.50 25.52 5.58
CA ALA A 172 -1.01 24.17 5.79
C ALA A 172 -1.42 23.27 4.64
N SER A 173 -0.63 22.23 4.39
CA SER A 173 -0.93 21.26 3.35
C SER A 173 -2.25 20.55 3.67
N PRO A 174 -2.93 20.05 2.63
CA PRO A 174 -4.20 19.34 2.83
C PRO A 174 -4.10 18.19 3.83
N ASN A 175 -5.13 18.06 4.67
CA ASN A 175 -5.25 16.97 5.64
C ASN A 175 -4.20 17.02 6.74
N TYR A 176 -3.55 18.16 6.93
CA TYR A 176 -2.53 18.28 7.97
C TYR A 176 -3.15 18.07 9.36
N PRO A 177 -2.49 17.28 10.21
CA PRO A 177 -1.17 16.67 10.01
C PRO A 177 -1.20 15.26 9.42
N LYS A 178 -2.37 14.78 9.01
CA LYS A 178 -2.44 13.50 8.31
C LYS A 178 -1.78 13.63 6.95
N PRO A 179 -1.32 12.51 6.35
CA PRO A 179 -0.59 12.58 5.08
C PRO A 179 -1.33 13.33 3.98
N TYR A 180 -0.59 14.03 3.13
CA TYR A 180 -1.18 14.86 2.08
C TYR A 180 -1.61 13.98 0.91
N PRO A 181 -2.43 14.52 -0.01
CA PRO A 181 -2.87 13.64 -1.10
C PRO A 181 -1.87 13.57 -2.26
N GLU A 182 -2.07 12.60 -3.15
CA GLU A 182 -1.17 12.36 -4.27
C GLU A 182 -1.65 13.04 -5.55
N ASN A 183 -0.73 13.21 -6.50
CA ASN A 183 -1.06 13.69 -7.84
C ASN A 183 -1.82 15.02 -7.85
N SER A 184 -1.59 15.84 -6.83
CA SER A 184 -2.31 17.10 -6.67
C SER A 184 -1.41 18.32 -6.85
N ARG A 185 -2.02 19.44 -7.22
CA ARG A 185 -1.31 20.71 -7.28
C ARG A 185 -2.08 21.75 -6.49
N CYS A 186 -1.54 22.13 -5.33
CA CYS A 186 -2.19 23.10 -4.48
C CYS A 186 -1.59 24.48 -4.74
N GLU A 187 -2.45 25.50 -4.80
CA GLU A 187 -1.98 26.85 -5.06
C GLU A 187 -2.58 27.85 -4.09
N TYR A 188 -1.69 28.54 -3.38
CA TYR A 188 -2.11 29.53 -2.39
C TYR A 188 -1.58 30.89 -2.79
N GLN A 189 -2.47 31.88 -2.86
CA GLN A 189 -2.07 33.21 -3.27
C GLN A 189 -2.18 34.21 -2.12
N ILE A 190 -1.07 34.86 -1.78
CA ILE A 190 -1.05 35.87 -0.75
C ILE A 190 -0.91 37.24 -1.40
N ARG A 191 -1.88 38.12 -1.16
CA ARG A 191 -1.90 39.43 -1.79
C ARG A 191 -2.04 40.53 -0.76
N LEU A 192 -0.92 41.18 -0.46
CA LEU A 192 -0.91 42.29 0.49
C LEU A 192 -0.84 43.61 -0.26
N GLU A 193 -1.12 44.69 0.44
CA GLU A 193 -1.00 46.03 -0.14
C GLU A 193 0.47 46.30 -0.47
N LYS A 194 0.71 47.25 -1.35
CA LYS A 194 2.04 47.48 -1.92
C LYS A 194 3.14 47.84 -0.91
N GLY A 195 2.77 48.53 0.16
CA GLY A 195 3.76 48.96 1.13
C GLY A 195 4.38 47.85 1.95
N PHE A 196 3.83 46.65 1.84
CA PHE A 196 4.29 45.53 2.66
C PHE A 196 4.93 44.41 1.84
N GLN A 197 5.84 43.68 2.47
CA GLN A 197 6.39 42.45 1.90
C GLN A 197 5.80 41.26 2.65
N VAL A 198 5.74 40.10 1.98
CA VAL A 198 5.29 38.88 2.65
C VAL A 198 6.46 38.17 3.28
N VAL A 199 6.39 37.97 4.60
CA VAL A 199 7.41 37.21 5.31
C VAL A 199 6.85 35.85 5.71
N VAL A 200 7.50 34.78 5.27
CA VAL A 200 7.04 33.42 5.57
C VAL A 200 7.82 32.83 6.74
N THR A 201 7.10 32.20 7.66
CA THR A 201 7.72 31.57 8.82
C THR A 201 7.36 30.09 8.88
N LEU A 202 8.39 29.25 8.71
CA LEU A 202 8.22 27.80 8.67
C LEU A 202 9.12 27.13 9.69
N ARG A 203 8.51 26.56 10.74
CA ARG A 203 9.28 25.79 11.72
C ARG A 203 9.87 24.53 11.12
N ARG A 204 11.11 24.22 11.50
CA ARG A 204 11.84 23.07 10.99
C ARG A 204 11.05 21.77 11.13
N GLU A 205 10.39 21.60 12.26
CA GLU A 205 9.71 20.36 12.60
C GLU A 205 8.29 20.31 12.05
N ASP A 206 7.87 21.38 11.40
CA ASP A 206 6.52 21.46 10.84
C ASP A 206 6.54 21.13 9.36
N PHE A 207 7.55 20.38 8.92
CA PHE A 207 7.74 20.13 7.50
C PHE A 207 8.27 18.73 7.24
N ASP A 208 7.45 17.90 6.63
CA ASP A 208 7.85 16.55 6.25
C ASP A 208 7.29 16.20 4.88
N VAL A 209 8.15 16.30 3.87
CA VAL A 209 7.77 16.03 2.49
C VAL A 209 8.68 14.95 1.96
N GLU A 210 8.17 14.12 1.04
CA GLU A 210 8.95 13.05 0.42
C GLU A 210 10.36 13.50 0.03
N ALA A 211 11.34 12.66 0.34
CA ALA A 211 12.74 12.99 0.06
C ALA A 211 12.98 13.06 -1.43
N ALA A 212 14.00 13.83 -1.82
CA ALA A 212 14.34 13.99 -3.23
C ALA A 212 15.01 12.72 -3.74
N ASP A 213 15.04 12.54 -5.06
CA ASP A 213 15.67 11.37 -5.64
C ASP A 213 17.19 11.43 -5.49
N SER A 214 17.87 10.42 -6.00
CA SER A 214 19.32 10.33 -5.88
C SER A 214 20.03 11.52 -6.54
N ALA A 215 19.42 12.06 -7.59
CA ALA A 215 20.00 13.20 -8.30
C ALA A 215 19.83 14.51 -7.52
N GLY A 216 18.97 14.48 -6.51
CA GLY A 216 18.74 15.65 -5.68
C GLY A 216 17.55 16.45 -6.15
N ASN A 217 16.69 15.81 -6.94
CA ASN A 217 15.50 16.48 -7.47
C ASN A 217 14.26 16.12 -6.67
N CYS A 218 13.47 17.14 -6.33
CA CYS A 218 12.26 16.94 -5.53
C CYS A 218 11.13 16.38 -6.38
N LEU A 219 10.49 15.32 -5.90
CA LEU A 219 9.36 14.73 -6.61
C LEU A 219 8.07 15.41 -6.14
N ASP A 220 7.89 15.47 -4.83
CA ASP A 220 6.94 16.41 -4.24
C ASP A 220 7.71 17.66 -3.87
N SER A 221 7.14 18.84 -4.14
CA SER A 221 7.87 20.06 -3.88
C SER A 221 6.99 21.18 -3.33
N LEU A 222 7.58 21.97 -2.44
CA LEU A 222 6.97 23.22 -1.98
C LEU A 222 7.76 24.37 -2.57
N VAL A 223 7.07 25.32 -3.18
CA VAL A 223 7.73 26.43 -3.85
C VAL A 223 7.05 27.75 -3.53
N PHE A 224 7.86 28.78 -3.26
CA PHE A 224 7.35 30.13 -3.08
C PHE A 224 7.73 30.96 -4.30
N VAL A 225 6.76 31.59 -4.95
CA VAL A 225 7.05 32.40 -6.12
C VAL A 225 6.72 33.87 -5.84
N ALA A 226 7.73 34.72 -5.92
CA ALA A 226 7.57 36.16 -5.71
C ALA A 226 7.99 36.93 -6.95
N GLY A 227 7.07 37.10 -7.88
CA GLY A 227 7.38 37.73 -9.14
C GLY A 227 8.40 36.93 -9.94
N ASP A 228 9.64 37.41 -9.91
CA ASP A 228 10.72 36.76 -10.66
C ASP A 228 11.48 35.78 -9.76
N ARG A 229 11.58 36.13 -8.49
CA ARG A 229 12.31 35.30 -7.53
C ARG A 229 11.53 34.06 -7.11
N GLN A 230 12.24 32.93 -7.02
CA GLN A 230 11.65 31.67 -6.61
C GLN A 230 12.35 31.14 -5.37
N PHE A 231 11.56 30.62 -4.43
CA PHE A 231 12.12 30.02 -3.23
C PHE A 231 11.77 28.54 -3.25
N GLY A 232 12.80 27.69 -3.21
CA GLY A 232 12.60 26.26 -3.33
C GLY A 232 13.12 25.76 -4.67
N PRO A 233 12.71 24.55 -5.08
CA PRO A 233 11.78 23.65 -4.39
C PRO A 233 12.30 23.11 -3.06
N TYR A 234 11.39 22.79 -2.14
CA TYR A 234 11.76 22.25 -0.85
C TYR A 234 11.29 20.81 -0.70
N CYS A 235 12.14 19.98 -0.11
CA CYS A 235 11.87 18.56 0.03
C CYS A 235 12.39 18.05 1.36
N GLY A 236 12.09 16.79 1.66
CA GLY A 236 12.78 16.12 2.75
C GLY A 236 12.11 16.19 4.11
N HIS A 237 12.82 15.67 5.11
CA HIS A 237 12.37 15.69 6.50
C HIS A 237 12.96 16.90 7.21
N GLY A 238 12.09 17.86 7.54
CA GLY A 238 12.55 19.09 8.15
C GLY A 238 12.76 20.17 7.10
N PHE A 239 12.33 21.39 7.39
CA PHE A 239 12.44 22.47 6.43
C PHE A 239 13.90 22.88 6.23
N PRO A 240 14.39 22.74 4.99
CA PRO A 240 15.78 23.03 4.64
C PRO A 240 16.12 24.50 4.77
N GLY A 241 15.16 25.36 4.48
CA GLY A 241 15.40 26.79 4.47
C GLY A 241 15.44 27.43 5.84
N PRO A 242 15.64 28.75 5.88
CA PRO A 242 15.66 29.52 7.13
C PRO A 242 14.26 29.64 7.73
N LEU A 243 14.19 29.94 9.02
CA LEU A 243 12.91 30.08 9.71
C LEU A 243 12.14 31.30 9.21
N ASN A 244 12.86 32.39 8.97
CA ASN A 244 12.25 33.60 8.45
C ASN A 244 12.71 33.90 7.02
N ILE A 245 11.76 33.88 6.09
CA ILE A 245 12.06 34.13 4.68
C ILE A 245 11.41 35.41 4.19
N GLU A 246 12.23 36.41 3.85
CA GLU A 246 11.72 37.66 3.32
C GLU A 246 11.65 37.59 1.79
N THR A 247 10.44 37.68 1.26
CA THR A 247 10.20 37.49 -0.16
C THR A 247 10.37 38.78 -0.95
N LYS A 248 10.42 39.90 -0.23
CA LYS A 248 10.62 41.23 -0.81
C LYS A 248 9.52 41.59 -1.81
N SER A 249 8.37 40.95 -1.68
CA SER A 249 7.25 41.23 -2.57
C SER A 249 5.92 41.22 -1.82
N ASN A 250 4.97 42.00 -2.30
CA ASN A 250 3.66 42.09 -1.68
C ASN A 250 2.75 40.99 -2.18
N ALA A 251 3.25 40.25 -3.17
CA ALA A 251 2.49 39.18 -3.79
C ALA A 251 3.31 37.90 -3.81
N LEU A 252 2.72 36.83 -3.29
CA LEU A 252 3.42 35.56 -3.21
C LEU A 252 2.51 34.40 -3.62
N ASP A 253 3.05 33.50 -4.44
CA ASP A 253 2.34 32.29 -4.79
C ASP A 253 3.01 31.09 -4.12
N ILE A 254 2.23 30.32 -3.38
CA ILE A 254 2.74 29.11 -2.75
C ILE A 254 2.18 27.89 -3.47
N ILE A 255 3.05 27.12 -4.10
CA ILE A 255 2.61 25.99 -4.90
C ILE A 255 3.18 24.68 -4.37
N PHE A 256 2.29 23.84 -3.84
CA PHE A 256 2.68 22.53 -3.34
C PHE A 256 2.21 21.45 -4.31
N GLN A 257 3.17 20.76 -4.93
CA GLN A 257 2.86 19.76 -5.94
C GLN A 257 3.31 18.38 -5.51
N THR A 258 2.47 17.39 -5.74
CA THR A 258 2.78 16.01 -5.37
C THR A 258 2.67 15.06 -6.56
N ASP A 259 3.43 13.97 -6.53
CA ASP A 259 3.31 12.95 -7.56
C ASP A 259 2.43 11.81 -7.05
N LEU A 260 2.42 10.71 -7.79
CA LEU A 260 1.42 9.66 -7.58
C LEU A 260 1.73 8.75 -6.38
N THR A 261 2.98 8.76 -5.91
CA THR A 261 3.37 7.89 -4.80
C THR A 261 4.15 8.62 -3.72
N GLY A 262 4.17 8.05 -2.52
CA GLY A 262 4.96 8.58 -1.43
C GLY A 262 4.39 9.84 -0.80
N GLN A 263 3.65 9.67 0.28
CA GLN A 263 3.04 10.81 0.95
C GLN A 263 3.43 10.82 2.42
N LYS A 264 3.73 12.00 2.96
CA LYS A 264 4.11 12.11 4.36
C LYS A 264 3.29 13.21 5.05
N LYS A 265 3.75 13.66 6.20
CA LYS A 265 2.93 14.52 7.07
C LYS A 265 2.49 15.82 6.41
N GLY A 266 3.37 16.41 5.61
CA GLY A 266 3.06 17.68 4.98
C GLY A 266 3.71 18.84 5.72
N TRP A 267 3.12 20.02 5.59
CA TRP A 267 3.70 21.22 6.18
C TRP A 267 2.65 22.19 6.74
N LYS A 268 3.12 23.13 7.55
CA LYS A 268 2.29 24.21 8.08
C LYS A 268 3.15 25.45 8.25
N LEU A 269 2.77 26.54 7.58
CA LEU A 269 3.54 27.76 7.69
C LEU A 269 2.70 28.94 8.16
N ARG A 270 3.38 30.01 8.52
CA ARG A 270 2.74 31.26 8.88
C ARG A 270 3.36 32.39 8.07
N TYR A 271 2.53 33.32 7.62
CA TYR A 271 3.03 34.50 6.93
C TYR A 271 2.61 35.75 7.68
N HIS A 272 3.39 36.81 7.52
CA HIS A 272 3.03 38.11 8.05
C HIS A 272 3.61 39.21 7.18
N GLY A 273 2.95 40.37 7.19
CA GLY A 273 3.39 41.49 6.38
C GLY A 273 4.46 42.28 7.11
N ASP A 274 5.37 42.88 6.34
CA ASP A 274 6.41 43.71 6.90
C ASP A 274 6.58 44.96 6.05
N PRO A 275 6.48 46.13 6.69
CA PRO A 275 6.59 47.44 6.01
C PRO A 275 7.89 47.61 5.23
N MET A 276 7.82 48.27 4.08
CA MET A 276 8.99 48.56 3.27
C MET A 276 9.14 50.05 3.00
N PRO B 1 -6.23 -6.81 6.49
CA PRO B 1 -6.46 -7.03 7.93
C PRO B 1 -7.71 -7.87 8.19
N THR B 2 -7.51 -9.17 8.40
CA THR B 2 -8.63 -10.10 8.58
C THR B 2 -8.46 -10.98 9.81
N MET B 3 -9.53 -11.69 10.18
CA MET B 3 -9.51 -12.58 11.33
C MET B 3 -9.33 -14.04 10.91
N TYR B 4 -9.62 -14.34 9.65
CA TYR B 4 -9.53 -15.70 9.13
C TYR B 4 -9.43 -15.73 7.61
N GLY B 5 -9.30 -16.94 7.05
CA GLY B 5 -9.24 -17.10 5.61
C GLY B 5 -8.60 -18.41 5.15
N GLU B 6 -8.67 -18.68 3.85
CA GLU B 6 -8.10 -19.90 3.28
C GLU B 6 -7.00 -19.62 2.24
N ILE B 7 -6.11 -20.58 2.04
CA ILE B 7 -5.04 -20.49 1.05
C ILE B 7 -4.98 -21.77 0.23
N LEU B 8 -5.39 -21.69 -1.04
CA LEU B 8 -5.40 -22.89 -1.88
C LEU B 8 -4.27 -22.89 -2.91
N SER B 9 -3.70 -24.06 -3.15
CA SER B 9 -2.69 -24.23 -4.19
C SER B 9 -3.28 -23.98 -5.56
N PRO B 10 -2.44 -23.59 -6.53
CA PRO B 10 -2.91 -23.39 -7.90
C PRO B 10 -3.63 -24.62 -8.46
N ASN B 11 -4.86 -24.42 -8.92
CA ASN B 11 -5.69 -25.46 -9.54
C ASN B 11 -6.22 -26.50 -8.54
N TYR B 12 -6.20 -26.17 -7.26
CA TYR B 12 -6.83 -27.00 -6.24
C TYR B 12 -8.33 -27.08 -6.55
N PRO B 13 -8.94 -28.27 -6.36
CA PRO B 13 -8.37 -29.51 -5.82
C PRO B 13 -7.72 -30.42 -6.86
N GLN B 14 -7.55 -29.92 -8.09
CA GLN B 14 -6.94 -30.71 -9.14
C GLN B 14 -5.42 -30.53 -9.14
N ALA B 15 -4.75 -31.13 -10.12
CA ALA B 15 -3.29 -31.10 -10.18
C ALA B 15 -2.76 -29.69 -10.43
N TYR B 16 -1.69 -29.34 -9.73
CA TYR B 16 -1.04 -28.04 -9.90
C TYR B 16 -0.07 -28.03 -11.07
N PRO B 17 0.01 -26.91 -11.79
CA PRO B 17 0.92 -26.76 -12.94
C PRO B 17 2.38 -26.88 -12.54
N SER B 18 3.23 -27.25 -13.49
CA SER B 18 4.67 -27.28 -13.23
C SER B 18 5.29 -25.91 -13.45
N GLU B 19 6.44 -25.69 -12.81
CA GLU B 19 7.18 -24.44 -12.91
C GLU B 19 6.27 -23.24 -12.57
N VAL B 20 5.74 -23.25 -11.35
CA VAL B 20 4.93 -22.13 -10.86
C VAL B 20 5.46 -21.65 -9.50
N GLU B 21 5.17 -20.40 -9.15
CA GLU B 21 5.60 -19.84 -7.87
C GLU B 21 4.65 -18.76 -7.37
N LYS B 22 3.73 -19.14 -6.48
CA LYS B 22 2.76 -18.19 -5.95
C LYS B 22 3.03 -17.90 -4.48
N SER B 23 2.78 -16.66 -4.06
CA SER B 23 3.03 -16.22 -2.69
C SER B 23 1.81 -15.52 -2.09
N TRP B 24 1.60 -15.72 -0.79
CA TRP B 24 0.48 -15.10 -0.09
C TRP B 24 0.89 -14.27 1.14
N ASP B 25 0.44 -13.02 1.19
CA ASP B 25 0.67 -12.16 2.35
C ASP B 25 -0.58 -11.95 3.18
N ILE B 26 -0.58 -12.55 4.36
CA ILE B 26 -1.73 -12.49 5.26
C ILE B 26 -1.53 -11.60 6.48
N GLU B 27 -2.59 -10.86 6.84
CA GLU B 27 -2.53 -9.92 7.95
C GLU B 27 -3.75 -10.00 8.85
N VAL B 28 -3.49 -10.23 10.14
CA VAL B 28 -4.53 -10.15 11.15
C VAL B 28 -4.24 -8.86 11.93
N PRO B 29 -5.24 -8.34 12.67
CA PRO B 29 -5.00 -7.08 13.37
C PRO B 29 -3.88 -7.16 14.42
N GLU B 30 -3.43 -6.01 14.89
CA GLU B 30 -2.41 -5.99 15.93
C GLU B 30 -3.03 -6.35 17.26
N GLY B 31 -2.27 -7.06 18.09
CA GLY B 31 -2.81 -7.58 19.33
C GLY B 31 -3.27 -9.01 19.11
N TYR B 32 -3.14 -9.47 17.87
CA TYR B 32 -3.50 -10.83 17.51
C TYR B 32 -2.31 -11.62 16.95
N GLY B 33 -2.34 -12.93 17.15
CA GLY B 33 -1.38 -13.82 16.53
C GLY B 33 -2.02 -14.55 15.36
N ILE B 34 -1.39 -15.63 14.90
CA ILE B 34 -1.91 -16.38 13.77
C ILE B 34 -1.79 -17.89 13.97
N HIS B 35 -2.91 -18.59 13.81
CA HIS B 35 -2.90 -20.05 13.78
C HIS B 35 -3.13 -20.53 12.36
N LEU B 36 -2.08 -21.09 11.75
CA LEU B 36 -2.16 -21.58 10.38
C LEU B 36 -2.13 -23.11 10.37
N TYR B 37 -3.14 -23.73 9.77
CA TYR B 37 -3.21 -25.19 9.72
C TYR B 37 -3.57 -25.72 8.34
N PHE B 38 -2.95 -26.84 7.98
CA PHE B 38 -3.14 -27.46 6.67
C PHE B 38 -4.12 -28.62 6.73
N THR B 39 -5.11 -28.59 5.84
CA THR B 39 -6.16 -29.60 5.81
C THR B 39 -5.96 -30.56 4.64
N HIS B 40 -5.04 -30.24 3.76
CA HIS B 40 -4.76 -31.06 2.59
C HIS B 40 -3.30 -30.87 2.18
N LEU B 41 -2.59 -31.96 1.94
CA LEU B 41 -1.19 -31.87 1.54
C LEU B 41 -0.82 -32.97 0.55
N ASP B 42 -0.59 -32.58 -0.70
CA ASP B 42 -0.25 -33.51 -1.76
C ASP B 42 0.78 -32.90 -2.71
N ILE B 43 2.06 -33.00 -2.36
CA ILE B 43 3.11 -32.33 -3.09
C ILE B 43 4.23 -33.33 -3.44
N GLU B 44 4.88 -33.13 -4.58
CA GLU B 44 5.97 -34.00 -5.01
C GLU B 44 7.05 -34.10 -3.94
N LEU B 45 7.32 -35.33 -3.50
CA LEU B 45 8.28 -35.55 -2.42
C LEU B 45 9.72 -35.55 -2.92
N SER B 46 10.60 -34.91 -2.15
CA SER B 46 12.01 -34.85 -2.47
C SER B 46 12.84 -34.54 -1.22
N GLU B 47 14.14 -34.79 -1.28
CA GLU B 47 15.01 -34.52 -0.14
C GLU B 47 15.10 -33.03 0.13
N ASN B 48 14.85 -32.65 1.38
CA ASN B 48 14.78 -31.24 1.79
C ASN B 48 13.76 -30.44 1.00
N CYS B 49 12.82 -31.15 0.37
CA CYS B 49 11.76 -30.55 -0.43
C CYS B 49 12.35 -29.58 -1.46
N ALA B 50 13.38 -30.03 -2.16
CA ALA B 50 14.11 -29.20 -3.10
C ALA B 50 13.27 -28.83 -4.31
N TYR B 51 12.57 -29.82 -4.85
CA TYR B 51 11.84 -29.64 -6.10
C TYR B 51 10.54 -28.84 -5.88
N ASP B 52 9.52 -29.50 -5.35
CA ASP B 52 8.26 -28.83 -5.06
C ASP B 52 8.02 -28.69 -3.56
N SER B 53 7.49 -27.54 -3.15
CA SER B 53 7.28 -27.26 -1.73
C SER B 53 6.34 -26.09 -1.47
N VAL B 54 5.70 -26.10 -0.30
CA VAL B 54 4.99 -24.94 0.21
C VAL B 54 5.73 -24.46 1.46
N GLN B 55 6.00 -23.16 1.52
CA GLN B 55 6.88 -22.59 2.54
C GLN B 55 6.19 -21.56 3.41
N ILE B 56 6.46 -21.60 4.71
CA ILE B 56 5.88 -20.65 5.66
C ILE B 56 6.96 -19.76 6.27
N ILE B 57 6.79 -18.44 6.11
CA ILE B 57 7.73 -17.46 6.63
C ILE B 57 7.03 -16.52 7.61
N SER B 58 7.49 -16.51 8.86
CA SER B 58 6.91 -15.66 9.89
C SER B 58 7.87 -14.55 10.27
N GLY B 59 7.36 -13.32 10.26
CA GLY B 59 8.19 -12.16 10.51
C GLY B 59 9.29 -12.11 9.47
N ASP B 60 10.49 -12.51 9.87
CA ASP B 60 11.65 -12.39 9.01
C ASP B 60 12.35 -13.75 8.81
N THR B 61 11.87 -14.78 9.50
CA THR B 61 12.48 -16.12 9.44
C THR B 61 11.52 -17.20 8.95
N GLU B 62 12.07 -18.33 8.51
CA GLU B 62 11.29 -19.45 8.00
C GLU B 62 10.79 -20.42 9.07
N GLU B 63 9.47 -20.53 9.19
CA GLU B 63 8.85 -21.42 10.18
C GLU B 63 8.70 -22.87 9.71
N GLY B 64 8.58 -23.09 8.40
CA GLY B 64 8.37 -24.43 7.92
C GLY B 64 8.43 -24.64 6.42
N ARG B 65 8.67 -25.90 6.04
CA ARG B 65 8.75 -26.29 4.64
C ARG B 65 8.05 -27.63 4.46
N LEU B 66 7.07 -27.69 3.56
CA LEU B 66 6.19 -28.86 3.49
C LEU B 66 6.12 -29.49 2.10
N CYS B 67 6.21 -30.81 2.06
CA CYS B 67 6.06 -31.58 0.82
C CYS B 67 5.64 -33.01 1.14
N GLY B 68 5.49 -33.82 0.10
CA GLY B 68 5.12 -35.21 0.26
C GLY B 68 3.62 -35.40 0.14
N GLN B 69 3.16 -36.60 0.49
CA GLN B 69 1.74 -36.90 0.41
C GLN B 69 1.26 -37.57 1.69
N ARG B 70 0.56 -36.81 2.53
CA ARG B 70 0.02 -37.38 3.77
C ARG B 70 -1.36 -36.85 4.10
N SER B 71 -2.15 -37.73 4.72
CA SER B 71 -3.50 -37.41 5.14
C SER B 71 -3.58 -37.46 6.66
N SER B 72 -4.74 -37.16 7.20
CA SER B 72 -4.95 -37.19 8.63
C SER B 72 -5.37 -38.57 9.12
N ASN B 73 -4.51 -39.18 9.93
CA ASN B 73 -4.82 -40.49 10.51
C ASN B 73 -5.80 -40.31 11.66
N ASN B 74 -5.94 -39.07 12.11
CA ASN B 74 -6.93 -38.73 13.14
C ASN B 74 -8.27 -38.41 12.48
N PRO B 75 -9.28 -39.25 12.74
CA PRO B 75 -10.62 -39.08 12.18
C PRO B 75 -11.33 -37.84 12.72
N HIS B 76 -10.79 -37.27 13.79
CA HIS B 76 -11.40 -36.13 14.45
C HIS B 76 -10.76 -34.81 14.05
N SER B 77 -9.90 -34.85 13.03
CA SER B 77 -9.28 -33.63 12.52
C SER B 77 -8.78 -33.79 11.09
N PRO B 78 -8.98 -32.77 10.25
CA PRO B 78 -8.48 -32.76 8.88
C PRO B 78 -7.06 -32.20 8.83
N ILE B 79 -6.57 -31.78 9.99
CA ILE B 79 -5.27 -31.13 10.10
C ILE B 79 -4.12 -32.12 9.97
N VAL B 80 -3.17 -31.82 9.11
CA VAL B 80 -2.01 -32.68 8.89
C VAL B 80 -0.73 -31.96 9.34
N GLU B 81 -0.73 -30.63 9.20
CA GLU B 81 0.36 -29.79 9.66
C GLU B 81 -0.20 -28.43 10.08
N GLU B 82 0.31 -27.88 11.19
CA GLU B 82 -0.14 -26.56 11.63
C GLU B 82 0.97 -25.72 12.25
N PHE B 83 0.75 -24.42 12.32
CA PHE B 83 1.74 -23.49 12.85
C PHE B 83 1.09 -22.41 13.71
N GLN B 84 1.75 -22.06 14.81
CA GLN B 84 1.28 -21.02 15.70
C GLN B 84 2.35 -19.95 15.90
N VAL B 85 2.07 -18.74 15.41
CA VAL B 85 3.02 -17.64 15.52
C VAL B 85 2.43 -16.45 16.25
N PRO B 86 3.26 -15.75 17.05
CA PRO B 86 2.82 -14.60 17.84
C PRO B 86 2.88 -13.28 17.09
N TYR B 87 3.02 -13.34 15.77
CA TYR B 87 3.07 -12.14 14.95
C TYR B 87 1.73 -11.94 14.27
N ASN B 88 1.44 -10.71 13.85
CA ASN B 88 0.16 -10.43 13.21
C ASN B 88 0.25 -10.54 11.69
N LYS B 89 1.45 -10.84 11.19
CA LYS B 89 1.66 -11.02 9.77
C LYS B 89 2.45 -12.30 9.46
N LEU B 90 2.15 -12.88 8.31
CA LEU B 90 2.74 -14.16 7.91
C LEU B 90 2.76 -14.31 6.40
N GLN B 91 3.79 -14.96 5.86
CA GLN B 91 3.88 -15.16 4.42
C GLN B 91 4.08 -16.62 4.05
N VAL B 92 3.29 -17.10 3.11
CA VAL B 92 3.40 -18.46 2.59
C VAL B 92 3.63 -18.48 1.08
N ILE B 93 4.61 -19.28 0.65
CA ILE B 93 4.97 -19.37 -0.77
C ILE B 93 5.02 -20.82 -1.28
N PHE B 94 4.45 -21.04 -2.47
CA PHE B 94 4.43 -22.36 -3.12
C PHE B 94 5.29 -22.40 -4.38
N LYS B 95 6.21 -23.36 -4.45
CA LYS B 95 7.13 -23.49 -5.58
C LYS B 95 6.98 -24.84 -6.29
N SER B 96 6.93 -24.83 -7.62
CA SER B 96 6.86 -26.06 -8.39
C SER B 96 8.04 -26.20 -9.38
N ASP B 97 8.52 -27.42 -9.53
CA ASP B 97 9.72 -27.70 -10.33
C ASP B 97 9.40 -27.97 -11.80
N PHE B 98 10.36 -28.59 -12.49
CA PHE B 98 10.29 -28.80 -13.93
C PHE B 98 9.13 -29.67 -14.43
N SER B 99 8.88 -30.81 -13.80
CA SER B 99 7.86 -31.74 -14.28
C SER B 99 7.15 -32.50 -13.18
N ASN B 100 5.93 -32.93 -13.48
CA ASN B 100 5.14 -33.70 -12.52
C ASN B 100 4.77 -35.06 -13.10
N GLU B 101 5.51 -36.09 -12.71
CA GLU B 101 5.29 -37.43 -13.26
C GLU B 101 3.94 -38.02 -12.84
N GLU B 102 3.63 -37.90 -11.54
CA GLU B 102 2.35 -38.36 -11.01
C GLU B 102 1.34 -37.24 -10.78
N ARG B 103 0.15 -37.63 -10.31
CA ARG B 103 -0.94 -36.72 -10.02
C ARG B 103 -0.86 -36.11 -8.63
N PHE B 104 -0.27 -34.93 -8.54
CA PHE B 104 -0.17 -34.24 -7.26
C PHE B 104 -1.18 -33.10 -7.25
N THR B 105 -1.94 -32.97 -6.17
CA THR B 105 -3.07 -32.05 -6.13
C THR B 105 -2.82 -30.78 -5.31
N GLY B 106 -1.62 -30.66 -4.76
CA GLY B 106 -1.22 -29.45 -4.06
C GLY B 106 -1.60 -29.43 -2.59
N PHE B 107 -2.22 -28.34 -2.14
CA PHE B 107 -2.52 -28.17 -0.72
C PHE B 107 -3.70 -27.24 -0.44
N ALA B 108 -4.33 -27.45 0.71
CA ALA B 108 -5.33 -26.52 1.25
C ALA B 108 -4.94 -26.11 2.66
N ALA B 109 -5.14 -24.85 3.00
CA ALA B 109 -4.76 -24.35 4.32
C ALA B 109 -5.66 -23.21 4.79
N TYR B 110 -5.82 -23.13 6.10
CA TYR B 110 -6.65 -22.09 6.71
C TYR B 110 -5.89 -21.40 7.85
N TYR B 111 -6.25 -20.16 8.12
CA TYR B 111 -5.66 -19.42 9.23
C TYR B 111 -6.75 -18.72 10.03
N VAL B 112 -6.56 -18.62 11.34
CA VAL B 112 -7.44 -17.83 12.17
C VAL B 112 -6.63 -16.90 13.07
N ALA B 113 -7.19 -15.74 13.37
CA ALA B 113 -6.51 -14.81 14.26
C ALA B 113 -6.67 -15.26 15.72
N THR B 114 -5.58 -15.22 16.47
CA THR B 114 -5.60 -15.58 17.88
C THR B 114 -5.21 -14.40 18.76
N ASP B 115 -5.88 -14.25 19.90
CA ASP B 115 -5.56 -13.18 20.83
C ASP B 115 -4.22 -13.40 21.51
N ILE B 116 -3.49 -12.32 21.74
CA ILE B 116 -2.26 -12.36 22.51
C ILE B 116 -2.55 -11.92 23.94
N ASN B 117 -2.06 -12.68 24.91
CA ASN B 117 -2.20 -12.27 26.31
C ASN B 117 -0.97 -11.46 26.72
N GLU B 118 -1.07 -10.15 26.53
CA GLU B 118 0.03 -9.24 26.82
C GLU B 118 0.46 -9.30 28.29
N CYS B 119 -0.42 -9.82 29.13
CA CYS B 119 -0.17 -9.92 30.56
C CYS B 119 0.78 -11.06 30.92
N THR B 120 0.86 -12.07 30.06
CA THR B 120 1.63 -13.26 30.37
C THR B 120 2.69 -13.61 29.32
N ASP B 121 2.39 -13.32 28.07
CA ASP B 121 3.26 -13.71 26.97
C ASP B 121 4.49 -12.82 26.87
N PHE B 122 4.32 -11.54 27.21
CA PHE B 122 5.43 -10.58 27.19
C PHE B 122 6.50 -10.92 28.22
N VAL B 123 7.74 -10.54 27.92
CA VAL B 123 8.86 -10.81 28.82
C VAL B 123 8.85 -9.89 30.05
N ASP B 124 8.34 -8.67 29.87
CA ASP B 124 8.25 -7.72 30.97
C ASP B 124 6.84 -7.13 31.08
N VAL B 125 6.25 -7.25 32.26
CA VAL B 125 4.87 -6.84 32.50
C VAL B 125 4.61 -5.38 32.17
N PRO B 126 3.54 -5.12 31.38
CA PRO B 126 3.23 -3.78 30.88
C PRO B 126 2.41 -2.94 31.87
N CYS B 127 2.24 -3.44 33.09
CA CYS B 127 1.47 -2.73 34.10
C CYS B 127 2.19 -2.72 35.45
N SER B 128 2.07 -1.62 36.18
CA SER B 128 2.75 -1.48 37.46
C SER B 128 2.11 -2.37 38.52
N HIS B 129 0.79 -2.54 38.42
CA HIS B 129 0.06 -3.32 39.40
C HIS B 129 -0.71 -4.47 38.77
N PHE B 130 -1.93 -4.22 38.29
CA PHE B 130 -2.75 -5.28 37.74
C PHE B 130 -2.85 -5.20 36.23
N CYS B 131 -2.79 -6.35 35.57
CA CYS B 131 -2.94 -6.42 34.12
C CYS B 131 -4.24 -7.11 33.76
N ASN B 132 -5.00 -6.48 32.86
CA ASN B 132 -6.27 -7.02 32.42
C ASN B 132 -6.27 -7.31 30.93
N ASN B 133 -6.21 -8.59 30.57
CA ASN B 133 -6.21 -8.99 29.18
C ASN B 133 -7.62 -9.05 28.60
N PHE B 134 -7.77 -8.58 27.37
CA PHE B 134 -8.98 -8.84 26.60
C PHE B 134 -8.57 -9.11 25.15
N ILE B 135 -9.56 -9.31 24.28
CA ILE B 135 -9.28 -9.72 22.91
C ILE B 135 -8.87 -8.53 22.04
N GLY B 136 -7.64 -8.57 21.54
CA GLY B 136 -7.11 -7.51 20.69
C GLY B 136 -6.33 -6.46 21.44
N GLY B 137 -6.20 -6.62 22.75
CA GLY B 137 -5.49 -5.65 23.56
C GLY B 137 -5.43 -6.00 25.03
N TYR B 138 -5.19 -4.98 25.86
CA TYR B 138 -5.13 -5.12 27.30
C TYR B 138 -5.27 -3.75 27.95
N PHE B 139 -5.61 -3.74 29.24
CA PHE B 139 -5.62 -2.49 30.00
C PHE B 139 -5.13 -2.71 31.42
N CYS B 140 -4.60 -1.65 32.03
CA CYS B 140 -4.03 -1.74 33.36
C CYS B 140 -5.00 -1.17 34.40
N SER B 141 -5.00 -1.77 35.58
CA SER B 141 -5.89 -1.33 36.65
C SER B 141 -5.13 -1.19 37.96
N CYS B 142 -5.68 -0.40 38.88
CA CYS B 142 -4.96 -0.03 40.09
C CYS B 142 -5.74 -0.42 41.35
N PRO B 143 -5.02 -0.64 42.46
CA PRO B 143 -5.68 -0.88 43.75
C PRO B 143 -6.43 0.36 44.22
N PRO B 144 -7.31 0.21 45.22
CA PRO B 144 -8.09 1.36 45.72
C PRO B 144 -7.21 2.55 46.11
N GLU B 145 -7.66 3.75 45.73
CA GLU B 145 -6.99 5.01 46.07
C GLU B 145 -5.67 5.19 45.32
N TYR B 146 -5.40 4.32 44.34
CA TYR B 146 -4.32 4.54 43.39
C TYR B 146 -4.94 4.97 42.07
N PHE B 147 -4.16 5.66 41.23
CA PHE B 147 -4.72 6.21 40.01
C PHE B 147 -3.80 6.01 38.82
N LEU B 148 -4.39 5.87 37.64
CA LEU B 148 -3.64 5.56 36.43
C LEU B 148 -3.00 6.81 35.82
N HIS B 149 -1.67 6.78 35.72
CA HIS B 149 -0.91 7.87 35.09
C HIS B 149 -1.29 8.02 33.62
N ASP B 150 -0.82 9.10 32.99
CA ASP B 150 -1.18 9.39 31.61
C ASP B 150 -0.61 8.40 30.59
N ASP B 151 0.29 7.53 31.03
CA ASP B 151 0.86 6.54 30.13
C ASP B 151 0.01 5.27 30.12
N MET B 152 -1.02 5.26 30.95
CA MET B 152 -1.93 4.12 31.08
C MET B 152 -1.17 2.84 31.42
N LYS B 153 -0.15 2.96 32.26
CA LYS B 153 0.69 1.83 32.63
C LYS B 153 1.03 1.83 34.11
N ASN B 154 1.31 3.02 34.64
CA ASN B 154 1.75 3.13 36.03
C ASN B 154 0.66 3.67 36.95
N CYS B 155 0.56 3.08 38.13
CA CYS B 155 -0.41 3.50 39.14
C CYS B 155 0.29 4.23 40.27
N GLY B 156 -0.38 5.25 40.82
CA GLY B 156 0.15 6.00 41.94
C GLY B 156 -0.94 6.70 42.71
N VAL B 157 -0.61 7.16 43.91
CA VAL B 157 -1.61 7.82 44.76
C VAL B 157 -1.71 9.31 44.45
N ASN B 158 -2.83 9.91 44.84
CA ASN B 158 -3.02 11.35 44.72
C ASN B 158 -2.48 12.02 45.97
N CYS B 159 -1.26 12.56 45.88
CA CYS B 159 -0.62 13.20 47.03
C CYS B 159 -0.10 14.58 46.66
N SER B 160 -0.79 15.23 45.73
CA SER B 160 -0.49 16.61 45.34
C SER B 160 -1.74 17.46 45.51
N GLY B 161 -1.59 18.77 45.33
CA GLY B 161 -2.74 19.66 45.38
C GLY B 161 -2.57 20.87 46.27
N ASP B 162 -2.59 20.64 47.58
CA ASP B 162 -2.52 21.71 48.57
C ASP B 162 -1.33 22.63 48.36
N VAL B 163 -1.60 23.92 48.27
CA VAL B 163 -0.53 24.93 48.24
C VAL B 163 -0.43 25.56 49.62
N PHE B 164 0.78 25.61 50.16
CA PHE B 164 0.98 26.11 51.51
C PHE B 164 1.34 27.60 51.48
N THR B 165 0.58 28.39 52.24
CA THR B 165 0.78 29.84 52.24
C THR B 165 1.01 30.37 53.66
N ALA B 166 0.73 29.56 54.67
CA ALA B 166 0.96 29.97 56.05
C ALA B 166 2.45 30.18 56.28
N LEU B 167 2.79 31.10 57.19
CA LEU B 167 4.19 31.45 57.42
C LEU B 167 4.97 30.35 58.14
N ILE B 168 4.25 29.44 58.78
CA ILE B 168 4.89 28.26 59.37
C ILE B 168 3.96 27.06 59.20
N GLY B 169 4.54 25.88 59.00
CA GLY B 169 3.74 24.69 58.78
C GLY B 169 4.55 23.41 58.86
N GLU B 170 3.84 22.28 58.86
CA GLU B 170 4.46 20.97 58.98
C GLU B 170 4.03 20.10 57.81
N ILE B 171 4.99 19.47 57.15
CA ILE B 171 4.70 18.64 55.99
C ILE B 171 5.36 17.28 56.17
N ALA B 172 4.66 16.22 55.77
CA ALA B 172 5.15 14.86 55.96
C ALA B 172 4.76 13.99 54.78
N SER B 173 5.54 12.94 54.54
CA SER B 173 5.26 12.00 53.47
C SER B 173 3.91 11.34 53.70
N PRO B 174 3.25 10.88 52.63
CA PRO B 174 1.94 10.22 52.76
C PRO B 174 1.98 9.06 53.75
N ASN B 175 0.92 8.94 54.55
CA ASN B 175 0.75 7.85 55.50
C ASN B 175 1.74 7.87 56.66
N TYR B 176 2.39 9.01 56.88
CA TYR B 176 3.37 9.14 57.97
C TYR B 176 2.66 8.98 59.32
N PRO B 177 3.28 8.22 60.25
CA PRO B 177 4.61 7.61 60.14
C PRO B 177 4.61 6.18 59.61
N LYS B 178 3.46 5.66 59.18
CA LYS B 178 3.41 4.34 58.54
C LYS B 178 4.08 4.42 57.18
N PRO B 179 4.54 3.29 56.63
CA PRO B 179 5.28 3.31 55.36
C PRO B 179 4.55 4.05 54.22
N TYR B 180 5.31 4.75 53.39
CA TYR B 180 4.76 5.58 52.33
C TYR B 180 4.35 4.70 51.14
N PRO B 181 3.56 5.26 50.19
CA PRO B 181 3.12 4.39 49.10
C PRO B 181 4.14 4.26 47.98
N GLU B 182 3.94 3.28 47.10
CA GLU B 182 4.87 2.99 46.01
C GLU B 182 4.46 3.67 44.70
N ASN B 183 5.43 3.80 43.79
CA ASN B 183 5.18 4.26 42.43
C ASN B 183 4.46 5.62 42.36
N SER B 184 4.66 6.45 43.38
CA SER B 184 3.96 7.72 43.47
C SER B 184 4.89 8.93 43.34
N ARG B 185 4.33 10.06 42.93
CA ARG B 185 5.05 11.31 42.87
C ARG B 185 4.26 12.40 43.60
N CYS B 186 4.73 12.80 44.76
CA CYS B 186 4.06 13.81 45.56
C CYS B 186 4.68 15.18 45.36
N GLU B 187 3.84 16.21 45.26
CA GLU B 187 4.34 17.56 45.06
C GLU B 187 3.71 18.56 46.03
N TYR B 188 4.57 19.23 46.78
CA TYR B 188 4.13 20.21 47.76
C TYR B 188 4.67 21.59 47.38
N GLN B 189 3.78 22.57 47.29
CA GLN B 189 4.18 23.91 46.90
C GLN B 189 4.01 24.90 48.04
N ILE B 190 5.12 25.55 48.41
CA ILE B 190 5.09 26.57 49.45
C ILE B 190 5.25 27.95 48.82
N ARG B 191 4.26 28.81 49.03
CA ARG B 191 4.27 30.13 48.43
C ARG B 191 4.08 31.19 49.50
N LEU B 192 5.18 31.84 49.86
CA LEU B 192 5.16 32.90 50.87
C LEU B 192 5.25 34.28 50.24
N GLU B 193 4.96 35.29 51.06
CA GLU B 193 5.06 36.68 50.64
C GLU B 193 6.52 36.98 50.31
N LYS B 194 6.75 38.02 49.51
CA LYS B 194 8.06 38.30 48.95
C LYS B 194 9.16 38.60 49.97
N GLY B 195 8.81 39.29 51.05
CA GLY B 195 9.78 39.67 52.05
C GLY B 195 10.42 38.52 52.80
N PHE B 196 9.89 37.32 52.61
CA PHE B 196 10.36 36.16 53.36
C PHE B 196 11.04 35.11 52.49
N GLN B 197 11.95 34.35 53.11
CA GLN B 197 12.53 33.16 52.50
C GLN B 197 11.96 31.94 53.20
N VAL B 198 11.93 30.81 52.50
CA VAL B 198 11.48 29.56 53.11
C VAL B 198 12.64 28.83 53.78
N VAL B 199 12.51 28.58 55.08
CA VAL B 199 13.51 27.82 55.83
C VAL B 199 12.97 26.43 56.18
N VAL B 200 13.70 25.39 55.77
CA VAL B 200 13.28 24.03 56.05
C VAL B 200 14.04 23.48 57.25
N THR B 201 13.32 22.87 58.19
CA THR B 201 13.93 22.28 59.37
C THR B 201 13.54 20.82 59.47
N LEU B 202 14.53 19.93 59.31
CA LEU B 202 14.27 18.50 59.28
C LEU B 202 15.14 17.76 60.30
N ARG B 203 14.50 17.20 61.32
CA ARG B 203 15.22 16.41 62.31
C ARG B 203 15.81 15.15 61.68
N ARG B 204 17.03 14.83 62.08
CA ARG B 204 17.77 13.68 61.53
C ARG B 204 16.97 12.38 61.61
N GLU B 205 16.29 12.17 62.74
CA GLU B 205 15.59 10.91 62.99
C GLU B 205 14.19 10.89 62.41
N ASP B 206 13.77 12.00 61.80
CA ASP B 206 12.43 12.10 61.23
C ASP B 206 12.46 11.84 59.73
N PHE B 207 13.47 11.08 59.28
CA PHE B 207 13.68 10.87 57.86
C PHE B 207 14.19 9.44 57.61
N ASP B 208 13.36 8.64 56.96
CA ASP B 208 13.72 7.27 56.61
C ASP B 208 13.22 6.93 55.22
N VAL B 209 14.12 7.00 54.25
CA VAL B 209 13.78 6.73 52.85
C VAL B 209 14.66 5.59 52.37
N GLU B 210 14.15 4.80 51.43
CA GLU B 210 14.90 3.69 50.84
C GLU B 210 16.34 4.09 50.50
N ALA B 211 17.29 3.22 50.82
CA ALA B 211 18.69 3.52 50.59
C ALA B 211 18.99 3.62 49.10
N ALA B 212 20.01 4.39 48.76
CA ALA B 212 20.38 4.56 47.36
C ALA B 212 21.09 3.30 46.88
N ASP B 213 21.15 3.11 45.57
CA ASP B 213 21.83 1.94 45.02
C ASP B 213 23.33 2.08 45.18
N SER B 214 24.07 1.07 44.71
CA SER B 214 25.52 1.05 44.87
C SER B 214 26.22 2.23 44.20
N ALA B 215 25.62 2.74 43.12
CA ALA B 215 26.19 3.86 42.39
C ALA B 215 26.01 5.17 43.15
N GLY B 216 25.14 5.15 44.15
CA GLY B 216 24.89 6.33 44.97
C GLY B 216 23.69 7.12 44.48
N ASN B 217 22.84 6.47 43.68
CA ASN B 217 21.66 7.12 43.13
C ASN B 217 20.41 6.77 43.90
N CYS B 218 19.60 7.79 44.22
CA CYS B 218 18.37 7.58 44.97
C CYS B 218 17.27 7.01 44.09
N LEU B 219 16.62 5.95 44.56
CA LEU B 219 15.51 5.34 43.86
C LEU B 219 14.22 6.03 44.31
N ASP B 220 14.05 6.11 45.62
CA ASP B 220 13.11 7.06 46.20
C ASP B 220 13.90 8.31 46.53
N SER B 221 13.34 9.47 46.24
CA SER B 221 14.08 10.71 46.47
C SER B 221 13.22 11.84 47.00
N LEU B 222 13.80 12.63 47.89
CA LEU B 222 13.20 13.89 48.33
C LEU B 222 14.01 15.05 47.77
N VAL B 223 13.33 16.02 47.15
CA VAL B 223 14.01 17.13 46.51
C VAL B 223 13.33 18.46 46.83
N PHE B 224 14.13 19.48 47.14
CA PHE B 224 13.62 20.83 47.33
C PHE B 224 14.03 21.70 46.14
N VAL B 225 13.06 22.35 45.51
CA VAL B 225 13.36 23.22 44.38
C VAL B 225 13.04 24.67 44.69
N ALA B 226 14.07 25.52 44.65
CA ALA B 226 13.89 26.94 44.89
C ALA B 226 14.36 27.71 43.67
N GLY B 227 13.46 27.89 42.71
CA GLY B 227 13.80 28.49 41.44
C GLY B 227 14.83 27.68 40.67
N ASP B 228 16.08 28.17 40.69
CA ASP B 228 17.15 27.51 39.96
C ASP B 228 17.93 26.56 40.86
N ARG B 229 18.05 26.91 42.13
CA ARG B 229 18.80 26.09 43.07
C ARG B 229 18.02 24.84 43.45
N GLN B 230 18.72 23.72 43.52
CA GLN B 230 18.10 22.44 43.86
C GLN B 230 18.73 21.83 45.11
N PHE B 231 17.88 21.30 45.99
CA PHE B 231 18.35 20.62 47.18
C PHE B 231 17.97 19.15 47.11
N GLY B 232 18.96 18.27 47.15
CA GLY B 232 18.74 16.85 47.00
C GLY B 232 19.27 16.31 45.68
N PRO B 233 18.85 15.10 45.29
CA PRO B 233 17.89 14.24 46.01
C PRO B 233 18.39 13.71 47.36
N TYR B 234 17.47 13.47 48.29
CA TYR B 234 17.84 12.92 49.58
C TYR B 234 17.20 11.55 49.77
N CYS B 235 17.98 10.59 50.26
CA CYS B 235 17.52 9.23 50.48
C CYS B 235 18.22 8.64 51.69
N GLY B 236 17.86 7.42 52.06
CA GLY B 236 18.62 6.69 53.05
C GLY B 236 18.07 6.79 54.46
N HIS B 237 18.82 6.26 55.41
CA HIS B 237 18.42 6.29 56.82
C HIS B 237 19.00 7.49 57.55
N GLY B 238 18.14 8.45 57.89
CA GLY B 238 18.57 9.67 58.53
C GLY B 238 18.78 10.74 57.48
N PHE B 239 18.35 11.97 57.75
CA PHE B 239 18.48 13.04 56.77
C PHE B 239 19.94 13.44 56.57
N PRO B 240 20.44 13.26 55.33
CA PRO B 240 21.84 13.53 54.98
C PRO B 240 22.19 15.00 55.05
N GLY B 241 21.22 15.86 54.73
CA GLY B 241 21.45 17.29 54.66
C GLY B 241 21.50 17.93 56.03
N PRO B 242 21.70 19.26 56.06
CA PRO B 242 21.71 19.99 57.33
C PRO B 242 20.34 20.08 57.97
N LEU B 243 20.31 20.30 59.28
CA LEU B 243 19.08 20.40 60.03
C LEU B 243 18.35 21.68 59.64
N ASN B 244 19.10 22.75 59.40
CA ASN B 244 18.55 24.03 58.98
C ASN B 244 18.91 24.39 57.54
N ILE B 245 17.91 24.48 56.67
CA ILE B 245 18.14 24.80 55.26
C ILE B 245 17.51 26.11 54.82
N GLU B 246 18.34 27.10 54.50
CA GLU B 246 17.86 28.38 53.99
C GLU B 246 17.83 28.36 52.46
N THR B 247 16.64 28.47 51.89
CA THR B 247 16.45 28.34 50.45
C THR B 247 16.61 29.66 49.70
N LYS B 248 16.61 30.77 50.43
CA LYS B 248 16.77 32.10 49.85
C LYS B 248 15.68 32.43 48.83
N SER B 249 14.54 31.77 48.94
CA SER B 249 13.42 32.03 48.04
C SER B 249 12.09 32.00 48.79
N ASN B 250 11.14 32.79 48.30
CA ASN B 250 9.83 32.85 48.91
C ASN B 250 8.92 31.75 48.38
N ALA B 251 9.45 31.03 47.39
CA ALA B 251 8.71 29.94 46.76
C ALA B 251 9.57 28.68 46.74
N LEU B 252 9.01 27.58 47.23
CA LEU B 252 9.74 26.32 47.29
C LEU B 252 8.87 25.17 46.83
N ASP B 253 9.43 24.30 45.99
CA ASP B 253 8.76 23.08 45.59
C ASP B 253 9.44 21.88 46.22
N ILE B 254 8.65 21.06 46.92
CA ILE B 254 9.14 19.84 47.53
C ILE B 254 8.57 18.64 46.79
N ILE B 255 9.45 17.85 46.18
CA ILE B 255 9.01 16.73 45.34
C ILE B 255 9.51 15.40 45.87
N PHE B 256 8.58 14.58 46.35
CA PHE B 256 8.89 13.25 46.85
C PHE B 256 8.44 12.17 45.88
N GLN B 257 9.39 11.45 45.30
CA GLN B 257 9.09 10.42 44.32
C GLN B 257 9.55 9.05 44.78
N THR B 258 8.70 8.04 44.57
CA THR B 258 9.03 6.67 44.95
C THR B 258 8.90 5.73 43.77
N ASP B 259 9.65 4.63 43.79
CA ASP B 259 9.53 3.61 42.76
C ASP B 259 8.63 2.48 43.26
N LEU B 260 8.60 1.38 42.53
CA LEU B 260 7.57 0.36 42.73
C LEU B 260 7.79 -0.54 43.95
N THR B 261 9.03 -0.60 44.45
CA THR B 261 9.35 -1.46 45.59
C THR B 261 10.17 -0.75 46.64
N GLY B 262 10.19 -1.30 47.85
CA GLY B 262 11.01 -0.76 48.93
C GLY B 262 10.43 0.49 49.54
N GLN B 263 9.71 0.33 50.65
CA GLN B 263 9.09 1.46 51.32
C GLN B 263 9.51 1.51 52.79
N LYS B 264 9.74 2.73 53.27
CA LYS B 264 10.14 2.92 54.66
C LYS B 264 9.24 3.92 55.38
N LYS B 265 9.73 4.40 56.52
CA LYS B 265 8.92 5.20 57.43
C LYS B 265 8.47 6.51 56.78
N GLY B 266 9.33 7.08 55.95
CA GLY B 266 9.02 8.34 55.30
C GLY B 266 9.71 9.49 56.01
N TRP B 267 9.14 10.68 55.88
CA TRP B 267 9.76 11.88 56.43
C TRP B 267 8.74 12.86 57.00
N LYS B 268 9.24 13.78 57.82
CA LYS B 268 8.43 14.86 58.35
C LYS B 268 9.31 16.09 58.52
N LEU B 269 8.95 17.19 57.88
CA LEU B 269 9.72 18.41 57.99
C LEU B 269 8.83 19.57 58.44
N ARG B 270 9.47 20.67 58.80
CA ARG B 270 8.76 21.91 59.11
C ARG B 270 9.36 23.03 58.29
N TYR B 271 8.51 23.91 57.78
CA TYR B 271 8.97 25.08 57.06
C TYR B 271 8.48 26.32 57.80
N HIS B 272 9.24 27.41 57.71
CA HIS B 272 8.77 28.68 58.25
C HIS B 272 9.39 29.82 57.45
N GLY B 273 8.73 30.98 57.46
CA GLY B 273 9.23 32.13 56.75
C GLY B 273 10.26 32.90 57.55
N ASP B 274 11.20 33.52 56.85
CA ASP B 274 12.23 34.32 57.49
C ASP B 274 12.44 35.63 56.74
N PRO B 275 12.32 36.75 57.45
CA PRO B 275 12.45 38.11 56.90
C PRO B 275 13.77 38.35 56.18
N MET B 276 13.72 39.12 55.09
CA MET B 276 14.92 39.47 54.35
C MET B 276 15.06 40.98 54.18
N PRO C 1 -22.41 -2.32 22.82
CA PRO C 1 -21.61 -3.46 22.33
C PRO C 1 -20.11 -3.18 22.44
N THR C 2 -19.49 -3.71 23.49
CA THR C 2 -18.08 -3.47 23.76
C THR C 2 -17.33 -4.78 24.02
N MET C 3 -16.00 -4.71 24.05
CA MET C 3 -15.19 -5.90 24.28
C MET C 3 -14.74 -6.00 25.73
N TYR C 4 -14.76 -4.86 26.43
CA TYR C 4 -14.33 -4.80 27.81
C TYR C 4 -14.88 -3.55 28.48
N GLY C 5 -14.57 -3.38 29.76
CA GLY C 5 -14.99 -2.20 30.49
C GLY C 5 -14.96 -2.41 31.98
N GLU C 6 -15.15 -1.32 32.74
CA GLU C 6 -15.15 -1.39 34.19
C GLU C 6 -16.48 -0.95 34.77
N ILE C 7 -16.80 -1.46 35.95
CA ILE C 7 -18.02 -1.09 36.65
C ILE C 7 -17.68 -0.75 38.09
N LEU C 8 -17.71 0.54 38.41
CA LEU C 8 -17.36 0.98 39.75
C LEU C 8 -18.62 1.38 40.50
N SER C 9 -18.65 1.07 41.79
CA SER C 9 -19.76 1.47 42.65
C SER C 9 -19.79 2.99 42.72
N PRO C 10 -20.97 3.56 42.99
CA PRO C 10 -21.06 5.02 43.13
C PRO C 10 -20.06 5.55 44.15
N ASN C 11 -19.23 6.49 43.71
CA ASN C 11 -18.25 7.17 44.55
C ASN C 11 -17.05 6.30 44.94
N TYR C 12 -16.84 5.19 44.23
CA TYR C 12 -15.63 4.39 44.43
C TYR C 12 -14.41 5.24 44.09
N PRO C 13 -13.32 5.11 44.85
CA PRO C 13 -13.05 4.19 45.97
C PRO C 13 -13.53 4.72 47.31
N GLN C 14 -14.29 5.81 47.31
CA GLN C 14 -14.77 6.39 48.55
C GLN C 14 -16.10 5.75 48.93
N ALA C 15 -16.72 6.23 49.99
CA ALA C 15 -17.96 5.63 50.50
C ALA C 15 -19.12 5.82 49.53
N TYR C 16 -19.93 4.79 49.35
CA TYR C 16 -21.09 4.89 48.47
C TYR C 16 -22.26 5.52 49.22
N PRO C 17 -23.07 6.33 48.53
CA PRO C 17 -24.22 7.04 49.10
C PRO C 17 -25.32 6.10 49.60
N SER C 18 -26.13 6.58 50.54
CA SER C 18 -27.30 5.84 51.00
C SER C 18 -28.49 6.12 50.10
N GLU C 19 -29.46 5.21 50.12
CA GLU C 19 -30.67 5.31 49.31
C GLU C 19 -30.33 5.53 47.83
N VAL C 20 -29.57 4.60 47.26
CA VAL C 20 -29.30 4.64 45.83
C VAL C 20 -29.60 3.27 45.24
N GLU C 21 -29.89 3.24 43.93
CA GLU C 21 -30.14 1.99 43.24
C GLU C 21 -29.74 2.15 41.79
N LYS C 22 -28.52 1.75 41.48
CA LYS C 22 -28.00 1.87 40.14
C LYS C 22 -27.85 0.49 39.52
N SER C 23 -28.10 0.43 38.21
CA SER C 23 -27.99 -0.82 37.49
C SER C 23 -27.13 -0.61 36.25
N TRP C 24 -26.37 -1.64 35.89
CA TRP C 24 -25.53 -1.55 34.72
C TRP C 24 -25.88 -2.68 33.77
N ASP C 25 -26.17 -2.31 32.53
CA ASP C 25 -26.45 -3.30 31.49
C ASP C 25 -25.25 -3.36 30.56
N ILE C 26 -24.51 -4.46 30.64
CA ILE C 26 -23.32 -4.61 29.82
C ILE C 26 -23.62 -5.52 28.64
N GLU C 27 -23.09 -5.15 27.49
CA GLU C 27 -23.35 -5.86 26.25
C GLU C 27 -22.07 -6.03 25.43
N VAL C 28 -21.74 -7.27 25.12
CA VAL C 28 -20.64 -7.58 24.23
C VAL C 28 -21.24 -8.09 22.91
N PRO C 29 -20.45 -8.07 21.82
CA PRO C 29 -21.02 -8.51 20.55
C PRO C 29 -21.44 -9.98 20.56
N GLU C 30 -22.19 -10.41 19.56
CA GLU C 30 -22.62 -11.80 19.46
C GLU C 30 -21.48 -12.70 19.00
N GLY C 31 -21.44 -13.92 19.52
CA GLY C 31 -20.32 -14.82 19.28
C GLY C 31 -19.35 -14.70 20.43
N TYR C 32 -19.68 -13.82 21.38
CA TYR C 32 -18.84 -13.61 22.54
C TYR C 32 -19.60 -13.95 23.82
N GLY C 33 -18.86 -14.40 24.84
CA GLY C 33 -19.43 -14.59 26.16
C GLY C 33 -18.97 -13.44 27.03
N ILE C 34 -19.08 -13.59 28.35
CA ILE C 34 -18.68 -12.53 29.25
C ILE C 34 -17.93 -13.08 30.46
N HIS C 35 -16.74 -12.56 30.69
CA HIS C 35 -16.01 -12.84 31.91
C HIS C 35 -16.07 -11.60 32.80
N LEU C 36 -16.85 -11.69 33.87
CA LEU C 36 -16.99 -10.58 34.81
C LEU C 36 -16.30 -10.93 36.12
N TYR C 37 -15.38 -10.08 36.56
CA TYR C 37 -14.66 -10.34 37.80
C TYR C 37 -14.59 -9.13 38.72
N PHE C 38 -14.73 -9.40 40.01
CA PHE C 38 -14.72 -8.35 41.03
C PHE C 38 -13.35 -8.26 41.68
N THR C 39 -12.80 -7.06 41.73
CA THR C 39 -11.47 -6.84 42.27
C THR C 39 -11.56 -6.21 43.65
N HIS C 40 -12.77 -5.77 44.01
CA HIS C 40 -13.00 -5.10 45.29
C HIS C 40 -14.45 -5.30 45.75
N LEU C 41 -14.62 -5.64 47.02
CA LEU C 41 -15.96 -5.82 47.59
C LEU C 41 -16.00 -5.35 49.04
N ASP C 42 -16.70 -4.25 49.28
CA ASP C 42 -16.82 -3.69 50.62
C ASP C 42 -18.23 -3.14 50.83
N ILE C 43 -19.16 -4.03 51.18
CA ILE C 43 -20.58 -3.68 51.25
C ILE C 43 -21.19 -4.11 52.59
N GLU C 44 -22.18 -3.36 53.07
CA GLU C 44 -22.86 -3.68 54.32
C GLU C 44 -23.46 -5.08 54.31
N LEU C 45 -23.07 -5.89 55.29
CA LEU C 45 -23.50 -7.27 55.38
C LEU C 45 -24.89 -7.37 56.01
N SER C 46 -25.71 -8.27 55.46
CA SER C 46 -27.04 -8.51 55.98
C SER C 46 -27.53 -9.89 55.54
N GLU C 47 -28.54 -10.42 56.22
CA GLU C 47 -29.08 -11.72 55.86
C GLU C 47 -29.77 -11.62 54.50
N ASN C 48 -29.44 -12.57 53.61
CA ASN C 48 -29.92 -12.57 52.23
C ASN C 48 -29.54 -11.29 51.50
N CYS C 49 -28.54 -10.58 52.03
CA CYS C 49 -28.08 -9.30 51.47
C CYS C 49 -29.27 -8.38 51.25
N ALA C 50 -30.12 -8.28 52.28
CA ALA C 50 -31.38 -7.56 52.17
C ALA C 50 -31.20 -6.05 52.03
N TYR C 51 -30.34 -5.47 52.85
CA TYR C 51 -30.16 -4.03 52.87
C TYR C 51 -29.34 -3.58 51.67
N ASP C 52 -28.03 -3.82 51.72
CA ASP C 52 -27.16 -3.46 50.63
C ASP C 52 -26.67 -4.68 49.88
N SER C 53 -26.61 -4.58 48.56
CA SER C 53 -26.19 -5.71 47.73
C SER C 53 -25.82 -5.28 46.32
N VAL C 54 -24.93 -6.04 45.69
CA VAL C 54 -24.72 -5.94 44.25
C VAL C 54 -25.18 -7.27 43.65
N GLN C 55 -26.00 -7.17 42.61
CA GLN C 55 -26.68 -8.35 42.07
C GLN C 55 -26.31 -8.58 40.62
N ILE C 56 -26.06 -9.83 40.27
CA ILE C 56 -25.69 -10.18 38.90
C ILE C 56 -26.75 -11.06 38.26
N ILE C 57 -27.34 -10.57 37.17
CA ILE C 57 -28.37 -11.31 36.47
C ILE C 57 -28.02 -11.51 34.99
N SER C 58 -27.93 -12.76 34.57
CA SER C 58 -27.61 -13.08 33.18
C SER C 58 -28.85 -13.64 32.50
N GLY C 59 -29.21 -13.04 31.38
CA GLY C 59 -30.42 -13.43 30.68
C GLY C 59 -31.62 -13.30 31.59
N ASP C 60 -32.10 -14.45 32.06
CA ASP C 60 -33.32 -14.51 32.83
C ASP C 60 -33.14 -15.19 34.19
N THR C 61 -31.92 -15.64 34.49
CA THR C 61 -31.67 -16.33 35.75
C THR C 61 -30.68 -15.56 36.61
N GLU C 62 -30.71 -15.83 37.91
CA GLU C 62 -29.84 -15.13 38.85
C GLU C 62 -28.49 -15.82 38.95
N GLU C 63 -27.43 -15.13 38.54
CA GLU C 63 -26.10 -15.71 38.56
C GLU C 63 -25.42 -15.55 39.91
N GLY C 64 -25.74 -14.46 40.61
CA GLY C 64 -25.13 -14.20 41.89
C GLY C 64 -25.66 -12.97 42.60
N ARG C 65 -25.46 -12.96 43.92
CA ARG C 65 -25.83 -11.83 44.76
C ARG C 65 -24.73 -11.60 45.80
N LEU C 66 -24.16 -10.41 45.82
CA LEU C 66 -22.96 -10.17 46.61
C LEU C 66 -23.08 -9.01 47.58
N CYS C 67 -22.63 -9.24 48.81
CA CYS C 67 -22.55 -8.23 49.84
C CYS C 67 -21.47 -8.62 50.84
N GLY C 68 -21.27 -7.81 51.87
CA GLY C 68 -20.27 -8.12 52.87
C GLY C 68 -18.93 -7.49 52.57
N GLN C 69 -17.91 -7.90 53.32
CA GLN C 69 -16.57 -7.38 53.15
C GLN C 69 -15.57 -8.53 53.08
N ARG C 70 -15.04 -8.77 51.89
CA ARG C 70 -14.08 -9.85 51.69
C ARG C 70 -12.95 -9.43 50.75
N SER C 71 -11.75 -9.95 51.01
CA SER C 71 -10.59 -9.63 50.20
C SER C 71 -10.09 -10.84 49.43
N SER C 72 -9.08 -10.63 48.60
CA SER C 72 -8.49 -11.70 47.81
C SER C 72 -7.36 -12.35 48.60
N ASN C 73 -7.52 -13.63 48.93
CA ASN C 73 -6.51 -14.37 49.68
C ASN C 73 -5.34 -14.82 48.80
N ASN C 74 -5.51 -14.76 47.49
CA ASN C 74 -4.44 -15.07 46.55
C ASN C 74 -3.64 -13.82 46.20
N PRO C 75 -2.35 -13.81 46.58
CA PRO C 75 -1.49 -12.65 46.31
C PRO C 75 -1.24 -12.41 44.82
N HIS C 76 -1.57 -13.38 43.98
CA HIS C 76 -1.32 -13.26 42.54
C HIS C 76 -2.56 -12.85 41.75
N SER C 77 -3.63 -12.47 42.45
CA SER C 77 -4.83 -11.97 41.79
C SER C 77 -5.66 -11.14 42.77
N PRO C 78 -6.19 -10.01 42.30
CA PRO C 78 -7.04 -9.14 43.12
C PRO C 78 -8.51 -9.55 43.06
N ILE C 79 -8.80 -10.59 42.28
CA ILE C 79 -10.17 -11.03 42.05
C ILE C 79 -10.74 -11.75 43.27
N VAL C 80 -11.94 -11.35 43.69
CA VAL C 80 -12.59 -11.94 44.86
C VAL C 80 -13.85 -12.70 44.49
N GLU C 81 -14.50 -12.26 43.41
CA GLU C 81 -15.68 -12.93 42.87
C GLU C 81 -15.66 -12.77 41.35
N GLU C 82 -16.00 -13.83 40.63
CA GLU C 82 -16.07 -13.73 39.17
C GLU C 82 -17.19 -14.57 38.59
N PHE C 83 -17.59 -14.25 37.37
CA PHE C 83 -18.67 -14.94 36.70
C PHE C 83 -18.35 -15.14 35.22
N GLN C 84 -18.68 -16.33 34.71
CA GLN C 84 -18.48 -16.64 33.30
C GLN C 84 -19.82 -17.09 32.71
N VAL C 85 -20.36 -16.28 31.82
CA VAL C 85 -21.64 -16.59 31.19
C VAL C 85 -21.47 -16.65 29.67
N PRO C 86 -22.22 -17.56 29.02
CA PRO C 86 -22.14 -17.76 27.57
C PRO C 86 -23.07 -16.83 26.80
N TYR C 87 -23.58 -15.80 27.47
CA TYR C 87 -24.48 -14.85 26.83
C TYR C 87 -23.74 -13.57 26.50
N ASN C 88 -24.27 -12.81 25.55
CA ASN C 88 -23.64 -11.56 25.14
C ASN C 88 -24.23 -10.39 25.92
N LYS C 89 -25.16 -10.69 26.81
CA LYS C 89 -25.77 -9.68 27.67
C LYS C 89 -25.76 -10.09 29.12
N LEU C 90 -25.65 -9.11 30.00
CA LEU C 90 -25.54 -9.34 31.45
C LEU C 90 -26.01 -8.10 32.20
N GLN C 91 -26.63 -8.30 33.35
CA GLN C 91 -27.14 -7.17 34.12
C GLN C 91 -26.60 -7.18 35.55
N VAL C 92 -26.10 -6.01 35.97
CA VAL C 92 -25.59 -5.83 37.32
C VAL C 92 -26.39 -4.74 38.02
N ILE C 93 -26.82 -5.01 39.25
CA ILE C 93 -27.63 -4.06 39.99
C ILE C 93 -27.02 -3.79 41.36
N PHE C 94 -26.92 -2.52 41.73
CA PHE C 94 -26.39 -2.15 43.03
C PHE C 94 -27.46 -1.46 43.87
N LYS C 95 -27.72 -2.00 45.05
CA LYS C 95 -28.73 -1.45 45.94
C LYS C 95 -28.10 -1.03 47.26
N SER C 96 -28.42 0.19 47.69
CA SER C 96 -27.98 0.67 49.00
C SER C 96 -29.21 1.05 49.81
N ASP C 97 -29.19 0.74 51.10
CA ASP C 97 -30.37 0.93 51.94
C ASP C 97 -30.44 2.32 52.56
N PHE C 98 -31.25 2.42 53.60
CA PHE C 98 -31.56 3.67 54.27
C PHE C 98 -30.33 4.40 54.83
N SER C 99 -29.43 3.65 55.45
CA SER C 99 -28.28 4.25 56.10
C SER C 99 -27.05 3.37 55.98
N ASN C 100 -25.88 3.97 56.12
CA ASN C 100 -24.64 3.21 56.06
C ASN C 100 -24.03 3.27 57.44
N GLU C 101 -24.19 2.15 58.14
CA GLU C 101 -23.85 2.02 59.55
C GLU C 101 -22.37 2.26 59.73
N GLU C 102 -21.58 1.59 58.90
CA GLU C 102 -20.15 1.83 58.84
C GLU C 102 -19.91 2.63 57.58
N ARG C 103 -18.69 3.10 57.37
CA ARG C 103 -18.43 3.84 56.15
C ARG C 103 -17.92 2.85 55.10
N PHE C 104 -18.83 2.38 54.24
CA PHE C 104 -18.51 1.35 53.25
C PHE C 104 -18.28 1.90 51.84
N THR C 105 -17.27 1.36 51.17
CA THR C 105 -16.78 1.92 49.91
C THR C 105 -17.26 1.17 48.65
N GLY C 106 -18.06 0.13 48.83
CA GLY C 106 -18.67 -0.53 47.67
C GLY C 106 -17.87 -1.63 46.99
N PHE C 107 -17.74 -1.52 45.67
CA PHE C 107 -17.12 -2.55 44.86
C PHE C 107 -16.47 -2.01 43.59
N ALA C 108 -15.47 -2.74 43.10
CA ALA C 108 -14.91 -2.49 41.78
C ALA C 108 -14.94 -3.79 40.99
N ALA C 109 -15.30 -3.71 39.72
CA ALA C 109 -15.41 -4.90 38.89
C ALA C 109 -15.14 -4.59 37.43
N TYR C 110 -14.60 -5.58 36.72
CA TYR C 110 -14.28 -5.41 35.31
C TYR C 110 -14.85 -6.58 34.53
N TYR C 111 -15.14 -6.37 33.25
CA TYR C 111 -15.61 -7.46 32.40
C TYR C 111 -14.85 -7.45 31.09
N VAL C 112 -14.59 -8.64 30.55
CA VAL C 112 -14.02 -8.76 29.22
C VAL C 112 -14.84 -9.75 28.41
N ALA C 113 -14.91 -9.53 27.10
CA ALA C 113 -15.63 -10.44 26.22
C ALA C 113 -14.78 -11.66 25.92
N THR C 114 -15.39 -12.84 25.96
CA THR C 114 -14.68 -14.07 25.64
C THR C 114 -15.30 -14.70 24.40
N ASP C 115 -14.46 -15.21 23.50
CA ASP C 115 -14.95 -15.84 22.28
C ASP C 115 -15.62 -17.17 22.61
N ILE C 116 -16.68 -17.49 21.88
CA ILE C 116 -17.34 -18.77 22.00
C ILE C 116 -16.85 -19.72 20.91
N ASN C 117 -16.54 -20.95 21.29
CA ASN C 117 -16.17 -21.97 20.31
C ASN C 117 -17.41 -22.72 19.88
N GLU C 118 -18.07 -22.22 18.83
CA GLU C 118 -19.30 -22.80 18.32
C GLU C 118 -19.11 -24.25 17.88
N CYS C 119 -17.86 -24.62 17.64
CA CYS C 119 -17.53 -25.98 17.21
C CYS C 119 -17.53 -26.98 18.36
N THR C 120 -17.36 -26.49 19.58
CA THR C 120 -17.21 -27.36 20.74
C THR C 120 -18.22 -27.07 21.85
N ASP C 121 -18.61 -25.80 21.97
CA ASP C 121 -19.48 -25.38 23.08
C ASP C 121 -20.93 -25.78 22.81
N PHE C 122 -21.33 -25.77 21.54
CA PHE C 122 -22.68 -26.15 21.15
C PHE C 122 -22.98 -27.62 21.45
N VAL C 123 -24.25 -27.92 21.69
CA VAL C 123 -24.68 -29.28 22.00
C VAL C 123 -24.66 -30.14 20.73
N ASP C 124 -24.92 -29.52 19.58
CA ASP C 124 -24.87 -30.21 18.30
C ASP C 124 -24.03 -29.44 17.28
N VAL C 125 -23.03 -30.10 16.73
CA VAL C 125 -22.08 -29.49 15.80
C VAL C 125 -22.78 -28.88 14.59
N PRO C 126 -22.47 -27.61 14.27
CA PRO C 126 -23.13 -26.82 13.23
C PRO C 126 -22.61 -27.03 11.81
N CYS C 127 -21.76 -28.04 11.61
CA CYS C 127 -21.21 -28.28 10.28
C CYS C 127 -21.33 -29.75 9.88
N SER C 128 -21.57 -29.99 8.59
CA SER C 128 -21.76 -31.34 8.10
C SER C 128 -20.43 -32.09 8.08
N HIS C 129 -19.35 -31.36 7.83
CA HIS C 129 -18.02 -31.96 7.74
C HIS C 129 -17.06 -31.33 8.74
N PHE C 130 -16.40 -30.25 8.34
CA PHE C 130 -15.39 -29.61 9.16
C PHE C 130 -15.86 -28.28 9.73
N CYS C 131 -15.54 -28.02 10.99
CA CYS C 131 -15.87 -26.75 11.61
C CYS C 131 -14.60 -25.96 11.91
N ASN C 132 -14.61 -24.68 11.55
CA ASN C 132 -13.44 -23.83 11.79
C ASN C 132 -13.80 -22.66 12.71
N ASN C 133 -13.33 -22.73 13.95
CA ASN C 133 -13.60 -21.67 14.91
C ASN C 133 -12.64 -20.49 14.76
N PHE C 134 -13.20 -19.28 14.87
CA PHE C 134 -12.39 -18.07 15.03
C PHE C 134 -13.07 -17.12 16.01
N ILE C 135 -12.50 -15.95 16.20
CA ILE C 135 -13.00 -15.00 17.19
C ILE C 135 -14.19 -14.20 16.68
N GLY C 136 -15.34 -14.37 17.34
CA GLY C 136 -16.54 -13.67 16.97
C GLY C 136 -17.44 -14.47 16.04
N GLY C 137 -17.00 -15.68 15.72
CA GLY C 137 -17.76 -16.52 14.81
C GLY C 137 -17.15 -17.89 14.54
N TYR C 138 -17.58 -18.47 13.43
CA TYR C 138 -17.10 -19.77 12.98
C TYR C 138 -17.44 -19.93 11.50
N PHE C 139 -16.76 -20.82 10.81
CA PHE C 139 -17.18 -21.16 9.46
C PHE C 139 -16.96 -22.64 9.19
N CYS C 140 -17.73 -23.18 8.25
CA CYS C 140 -17.68 -24.58 7.93
C CYS C 140 -16.87 -24.76 6.66
N SER C 141 -16.14 -25.86 6.56
CA SER C 141 -15.31 -26.11 5.38
C SER C 141 -15.56 -27.51 4.87
N CYS C 142 -15.26 -27.72 3.59
CA CYS C 142 -15.64 -28.94 2.91
C CYS C 142 -14.42 -29.64 2.32
N PRO C 143 -14.51 -30.97 2.17
CA PRO C 143 -13.45 -31.71 1.48
C PRO C 143 -13.40 -31.30 0.01
N PRO C 144 -12.30 -31.64 -0.70
CA PRO C 144 -12.16 -31.28 -2.11
C PRO C 144 -13.35 -31.66 -2.99
N GLU C 145 -13.73 -30.75 -3.88
CA GLU C 145 -14.81 -30.96 -4.85
C GLU C 145 -16.19 -31.01 -4.19
N TYR C 146 -16.24 -30.66 -2.91
CA TYR C 146 -17.50 -30.43 -2.23
C TYR C 146 -17.67 -28.93 -2.06
N PHE C 147 -18.90 -28.47 -1.93
CA PHE C 147 -19.15 -27.04 -1.85
C PHE C 147 -20.18 -26.71 -0.79
N LEU C 148 -20.04 -25.52 -0.20
CA LEU C 148 -20.88 -25.10 0.90
C LEU C 148 -22.23 -24.62 0.39
N HIS C 149 -23.29 -25.28 0.85
CA HIS C 149 -24.66 -24.92 0.51
C HIS C 149 -24.97 -23.50 0.99
N ASP C 150 -26.10 -22.95 0.59
CA ASP C 150 -26.48 -21.58 0.92
C ASP C 150 -26.75 -21.37 2.41
N ASP C 151 -26.80 -22.47 3.17
CA ASP C 151 -27.04 -22.37 4.61
C ASP C 151 -25.74 -22.23 5.37
N MET C 152 -24.62 -22.26 4.64
CA MET C 152 -23.28 -22.17 5.22
C MET C 152 -23.07 -23.24 6.29
N LYS C 153 -23.58 -24.44 6.03
CA LYS C 153 -23.50 -25.53 6.99
C LYS C 153 -23.18 -26.87 6.34
N ASN C 154 -23.79 -27.13 5.18
CA ASN C 154 -23.66 -28.43 4.55
C ASN C 154 -22.70 -28.41 3.38
N CYS C 155 -21.88 -29.44 3.29
CA CYS C 155 -20.98 -29.59 2.17
C CYS C 155 -21.55 -30.67 1.26
N GLY C 156 -21.50 -30.44 -0.03
CA GLY C 156 -22.00 -31.40 -1.00
C GLY C 156 -21.40 -31.08 -2.35
N VAL C 157 -21.53 -32.00 -3.30
CA VAL C 157 -20.98 -31.79 -4.62
C VAL C 157 -21.96 -31.00 -5.47
N ASN C 158 -21.46 -30.40 -6.54
CA ASN C 158 -22.29 -29.67 -7.48
C ASN C 158 -22.90 -30.61 -8.50
N CYS C 159 -24.16 -30.97 -8.30
CA CYS C 159 -24.84 -31.89 -9.20
C CYS C 159 -26.20 -31.32 -9.63
N SER C 160 -26.28 -30.00 -9.67
CA SER C 160 -27.46 -29.31 -10.19
C SER C 160 -27.04 -28.36 -11.30
N GLY C 161 -28.02 -27.80 -12.01
CA GLY C 161 -27.72 -26.79 -13.01
C GLY C 161 -28.32 -27.09 -14.37
N ASP C 162 -27.78 -28.09 -15.04
CA ASP C 162 -28.18 -28.45 -16.41
C ASP C 162 -29.68 -28.67 -16.55
N VAL C 163 -30.28 -27.97 -17.50
CA VAL C 163 -31.66 -28.21 -17.87
C VAL C 163 -31.70 -29.02 -19.16
N PHE C 164 -32.45 -30.11 -19.16
CA PHE C 164 -32.51 -31.00 -20.30
C PHE C 164 -33.68 -30.64 -21.20
N THR C 165 -33.41 -30.42 -22.48
CA THR C 165 -34.43 -30.01 -23.43
C THR C 165 -34.53 -30.95 -24.62
N ALA C 166 -33.51 -31.80 -24.80
CA ALA C 166 -33.52 -32.77 -25.89
C ALA C 166 -34.68 -33.73 -25.70
N LEU C 167 -35.25 -34.22 -26.80
CA LEU C 167 -36.42 -35.08 -26.74
C LEU C 167 -36.08 -36.46 -26.20
N ILE C 168 -34.80 -36.81 -26.25
CA ILE C 168 -34.33 -38.04 -25.63
C ILE C 168 -32.97 -37.77 -25.00
N GLY C 169 -32.69 -38.43 -23.88
CA GLY C 169 -31.44 -38.21 -23.18
C GLY C 169 -31.21 -39.25 -22.10
N GLU C 170 -30.01 -39.23 -21.54
CA GLU C 170 -29.62 -40.19 -20.53
C GLU C 170 -29.09 -39.44 -19.32
N ILE C 171 -29.60 -39.78 -18.14
CA ILE C 171 -29.21 -39.09 -16.91
C ILE C 171 -28.76 -40.10 -15.87
N ALA C 172 -27.72 -39.75 -15.12
CA ALA C 172 -27.17 -40.66 -14.12
C ALA C 172 -26.70 -39.92 -12.88
N SER C 173 -26.71 -40.62 -11.76
CA SER C 173 -26.25 -40.08 -10.48
C SER C 173 -24.78 -39.71 -10.58
N PRO C 174 -24.33 -38.76 -9.73
CA PRO C 174 -22.92 -38.34 -9.76
C PRO C 174 -21.96 -39.52 -9.60
N ASN C 175 -20.87 -39.49 -10.36
CA ASN C 175 -19.81 -40.48 -10.27
C ASN C 175 -20.20 -41.89 -10.73
N TYR C 176 -21.30 -42.01 -11.47
CA TYR C 176 -21.75 -43.32 -11.93
C TYR C 176 -20.73 -43.92 -12.91
N PRO C 177 -20.42 -45.22 -12.75
CA PRO C 177 -21.02 -46.16 -11.80
C PRO C 177 -20.26 -46.31 -10.48
N LYS C 178 -19.23 -45.49 -10.26
CA LYS C 178 -18.53 -45.48 -8.98
C LYS C 178 -19.46 -44.88 -7.92
N PRO C 179 -19.22 -45.15 -6.63
CA PRO C 179 -20.14 -44.69 -5.59
C PRO C 179 -20.44 -43.19 -5.64
N TYR C 180 -21.69 -42.82 -5.33
CA TYR C 180 -22.12 -41.44 -5.38
C TYR C 180 -21.67 -40.72 -4.11
N PRO C 181 -21.71 -39.38 -4.09
CA PRO C 181 -21.22 -38.68 -2.90
C PRO C 181 -22.28 -38.55 -1.82
N GLU C 182 -21.86 -38.17 -0.61
CA GLU C 182 -22.76 -38.04 0.53
C GLU C 182 -23.24 -36.60 0.70
N ASN C 183 -24.32 -36.42 1.46
CA ASN C 183 -24.82 -35.09 1.83
C ASN C 183 -25.12 -34.18 0.64
N SER C 184 -25.52 -34.76 -0.48
CA SER C 184 -25.74 -33.98 -1.68
C SER C 184 -27.21 -33.93 -2.06
N ARG C 185 -27.59 -32.87 -2.78
CA ARG C 185 -28.92 -32.77 -3.35
C ARG C 185 -28.77 -32.45 -4.83
N CYS C 186 -29.04 -33.44 -5.65
CA CYS C 186 -28.94 -33.27 -7.09
C CYS C 186 -30.30 -32.98 -7.68
N GLU C 187 -30.34 -32.03 -8.61
CA GLU C 187 -31.61 -31.69 -9.24
C GLU C 187 -31.45 -31.63 -10.74
N TYR C 188 -32.24 -32.45 -11.43
CA TYR C 188 -32.20 -32.49 -12.88
C TYR C 188 -33.55 -32.05 -13.38
N GLN C 189 -33.56 -31.06 -14.26
CA GLN C 189 -34.82 -30.52 -14.77
C GLN C 189 -34.94 -30.84 -16.24
N ILE C 190 -36.01 -31.56 -16.57
CA ILE C 190 -36.30 -31.90 -17.95
C ILE C 190 -37.47 -31.06 -18.43
N ARG C 191 -37.23 -30.27 -19.47
CA ARG C 191 -38.25 -29.36 -19.97
C ARG C 191 -38.44 -29.57 -21.46
N LEU C 192 -39.52 -30.27 -21.80
CA LEU C 192 -39.85 -30.55 -23.20
C LEU C 192 -40.98 -29.65 -23.67
N GLU C 193 -41.17 -29.60 -24.98
CA GLU C 193 -42.26 -28.83 -25.57
C GLU C 193 -43.61 -29.41 -25.11
N LYS C 194 -44.65 -28.59 -25.16
CA LYS C 194 -45.95 -28.94 -24.60
C LYS C 194 -46.66 -30.15 -25.21
N GLY C 195 -46.21 -30.59 -26.38
CA GLY C 195 -46.89 -31.68 -27.05
C GLY C 195 -46.45 -33.04 -26.58
N PHE C 196 -45.38 -33.09 -25.79
CA PHE C 196 -44.82 -34.37 -25.35
C PHE C 196 -44.93 -34.57 -23.84
N GLN C 197 -44.98 -35.83 -23.42
CA GLN C 197 -44.86 -36.19 -22.01
C GLN C 197 -43.48 -36.76 -21.79
N VAL C 198 -42.97 -36.67 -20.58
CA VAL C 198 -41.68 -37.27 -20.25
C VAL C 198 -41.87 -38.73 -19.80
N VAL C 199 -41.23 -39.64 -20.52
CA VAL C 199 -41.25 -41.05 -20.15
C VAL C 199 -39.88 -41.47 -19.61
N VAL C 200 -39.86 -41.98 -18.38
CA VAL C 200 -38.61 -42.43 -17.78
C VAL C 200 -38.47 -43.94 -17.92
N THR C 201 -37.28 -44.38 -18.33
CA THR C 201 -37.01 -45.81 -18.45
C THR C 201 -35.80 -46.16 -17.61
N LEU C 202 -36.01 -46.95 -16.56
CA LEU C 202 -34.94 -47.31 -15.65
C LEU C 202 -34.86 -48.82 -15.51
N ARG C 203 -33.78 -49.39 -16.02
CA ARG C 203 -33.53 -50.82 -15.90
C ARG C 203 -33.33 -51.23 -14.44
N ARG C 204 -33.89 -52.38 -14.07
CA ARG C 204 -33.82 -52.87 -12.71
C ARG C 204 -32.39 -52.93 -12.17
N GLU C 205 -31.46 -53.35 -13.02
CA GLU C 205 -30.07 -53.55 -12.61
C GLU C 205 -29.24 -52.27 -12.69
N ASP C 206 -29.86 -51.19 -13.15
CA ASP C 206 -29.17 -49.92 -13.29
C ASP C 206 -29.45 -49.02 -12.10
N PHE C 207 -29.79 -49.61 -10.96
CA PHE C 207 -30.21 -48.85 -9.80
C PHE C 207 -29.75 -49.50 -8.50
N ASP C 208 -28.84 -48.84 -7.80
CA ASP C 208 -28.37 -49.34 -6.52
C ASP C 208 -28.19 -48.19 -5.53
N VAL C 209 -29.19 -48.03 -4.68
CA VAL C 209 -29.19 -46.95 -3.70
C VAL C 209 -29.33 -47.59 -2.31
N GLU C 210 -28.76 -46.95 -1.30
CA GLU C 210 -28.83 -47.41 0.09
C GLU C 210 -30.22 -47.90 0.48
N ALA C 211 -30.27 -49.02 1.20
CA ALA C 211 -31.53 -49.61 1.61
C ALA C 211 -32.27 -48.72 2.60
N ALA C 212 -33.59 -48.86 2.64
CA ALA C 212 -34.41 -48.05 3.54
C ALA C 212 -34.26 -48.53 4.98
N ASP C 213 -34.63 -47.69 5.94
CA ASP C 213 -34.51 -48.07 7.34
C ASP C 213 -35.54 -49.13 7.71
N SER C 214 -35.55 -49.54 8.98
CA SER C 214 -36.44 -50.59 9.46
C SER C 214 -37.91 -50.22 9.28
N ALA C 215 -38.20 -48.92 9.35
CA ALA C 215 -39.57 -48.43 9.20
C ALA C 215 -39.99 -48.45 7.73
N GLY C 216 -39.02 -48.61 6.83
CA GLY C 216 -39.29 -48.65 5.41
C GLY C 216 -39.11 -47.29 4.76
N ASN C 217 -38.39 -46.40 5.45
CA ASN C 217 -38.16 -45.06 4.95
C ASN C 217 -36.80 -44.91 4.29
N CYS C 218 -36.78 -44.27 3.13
CA CYS C 218 -35.54 -44.10 2.37
C CYS C 218 -34.67 -42.99 2.97
N LEU C 219 -33.39 -43.28 3.18
CA LEU C 219 -32.46 -42.29 3.70
C LEU C 219 -31.80 -41.54 2.54
N ASP C 220 -31.29 -42.30 1.58
CA ASP C 220 -30.97 -41.74 0.27
C ASP C 220 -32.20 -41.99 -0.58
N SER C 221 -32.61 -41.01 -1.38
CA SER C 221 -33.83 -41.21 -2.15
C SER C 221 -33.75 -40.63 -3.56
N LEU C 222 -34.36 -41.34 -4.50
CA LEU C 222 -34.59 -40.81 -5.84
C LEU C 222 -36.07 -40.56 -6.02
N VAL C 223 -36.43 -39.36 -6.46
CA VAL C 223 -37.83 -38.98 -6.60
C VAL C 223 -38.06 -38.20 -7.90
N PHE C 224 -39.16 -38.51 -8.58
CA PHE C 224 -39.54 -37.78 -9.79
C PHE C 224 -40.74 -36.88 -9.51
N VAL C 225 -40.62 -35.60 -9.84
CA VAL C 225 -41.72 -34.66 -9.62
C VAL C 225 -42.27 -34.11 -10.93
N ALA C 226 -43.55 -34.36 -11.18
CA ALA C 226 -44.22 -33.87 -12.36
C ALA C 226 -45.41 -33.01 -11.95
N GLY C 227 -45.14 -31.72 -11.71
CA GLY C 227 -46.16 -30.82 -11.20
C GLY C 227 -46.66 -31.22 -9.83
N ASP C 228 -47.86 -31.80 -9.80
CA ASP C 228 -48.48 -32.21 -8.55
C ASP C 228 -48.19 -33.66 -8.25
N ARG C 229 -48.09 -34.47 -9.31
CA ARG C 229 -47.83 -35.89 -9.15
C ARG C 229 -46.35 -36.14 -8.80
N GLN C 230 -46.13 -37.02 -7.84
CA GLN C 230 -44.78 -37.35 -7.41
C GLN C 230 -44.51 -38.85 -7.56
N PHE C 231 -43.32 -39.19 -8.04
CA PHE C 231 -42.93 -40.59 -8.19
C PHE C 231 -41.77 -40.91 -7.25
N GLY C 232 -41.97 -41.88 -6.37
CA GLY C 232 -40.97 -42.21 -5.37
C GLY C 232 -41.43 -41.81 -3.98
N PRO C 233 -40.50 -41.75 -3.00
CA PRO C 233 -39.06 -42.00 -3.12
C PRO C 233 -38.68 -43.44 -3.44
N TYR C 234 -37.54 -43.63 -4.09
CA TYR C 234 -37.06 -44.95 -4.44
C TYR C 234 -35.76 -45.27 -3.70
N CYS C 235 -35.64 -46.52 -3.24
CA CYS C 235 -34.49 -46.95 -2.45
C CYS C 235 -34.11 -48.37 -2.81
N GLY C 236 -33.01 -48.85 -2.24
CA GLY C 236 -32.71 -50.27 -2.27
C GLY C 236 -31.83 -50.76 -3.41
N HIS C 237 -31.69 -52.08 -3.48
CA HIS C 237 -30.92 -52.73 -4.54
C HIS C 237 -31.86 -53.15 -5.66
N GLY C 238 -31.75 -52.48 -6.80
CA GLY C 238 -32.63 -52.73 -7.92
C GLY C 238 -33.78 -51.74 -7.90
N PHE C 239 -34.16 -51.22 -9.05
CA PHE C 239 -35.21 -50.21 -9.12
C PHE C 239 -36.58 -50.80 -8.79
N PRO C 240 -37.20 -50.30 -7.71
CA PRO C 240 -38.48 -50.79 -7.19
C PRO C 240 -39.65 -50.51 -8.13
N GLY C 241 -39.59 -49.38 -8.84
CA GLY C 241 -40.71 -48.96 -9.66
C GLY C 241 -40.80 -49.73 -10.97
N PRO C 242 -41.81 -49.40 -11.78
CA PRO C 242 -41.95 -50.05 -13.09
C PRO C 242 -40.86 -49.61 -14.05
N LEU C 243 -40.61 -50.42 -15.07
CA LEU C 243 -39.57 -50.13 -16.06
C LEU C 243 -39.95 -48.91 -16.89
N ASN C 244 -41.24 -48.80 -17.22
CA ASN C 244 -41.73 -47.68 -18.00
C ASN C 244 -42.62 -46.78 -17.17
N ILE C 245 -42.18 -45.54 -16.94
CA ILE C 245 -42.93 -44.59 -16.12
C ILE C 245 -43.40 -43.38 -16.93
N GLU C 246 -44.72 -43.28 -17.12
CA GLU C 246 -45.32 -42.15 -17.81
C GLU C 246 -45.74 -41.05 -16.84
N THR C 247 -45.11 -39.90 -16.96
CA THR C 247 -45.33 -38.80 -16.01
C THR C 247 -46.48 -37.90 -16.42
N LYS C 248 -46.93 -38.03 -17.67
CA LYS C 248 -48.05 -37.26 -18.22
C LYS C 248 -47.80 -35.75 -18.19
N SER C 249 -46.53 -35.36 -18.15
CA SER C 249 -46.16 -33.94 -18.16
C SER C 249 -44.92 -33.70 -19.02
N ASN C 250 -44.83 -32.50 -19.60
CA ASN C 250 -43.70 -32.14 -20.44
C ASN C 250 -42.55 -31.64 -19.60
N ALA C 251 -42.79 -31.50 -18.30
CA ALA C 251 -41.80 -30.99 -17.38
C ALA C 251 -41.64 -31.94 -16.20
N LEU C 252 -40.41 -32.33 -15.93
CA LEU C 252 -40.13 -33.29 -14.86
C LEU C 252 -38.90 -32.87 -14.06
N ASP C 253 -39.01 -32.93 -12.74
CA ASP C 253 -37.89 -32.69 -11.86
C ASP C 253 -37.42 -34.01 -11.24
N ILE C 254 -36.15 -34.32 -11.39
CA ILE C 254 -35.57 -35.52 -10.80
C ILE C 254 -34.66 -35.12 -9.66
N ILE C 255 -35.00 -35.53 -8.44
CA ILE C 255 -34.26 -35.09 -7.26
C ILE C 255 -33.65 -36.27 -6.51
N PHE C 256 -32.33 -36.35 -6.54
CA PHE C 256 -31.60 -37.39 -5.83
C PHE C 256 -30.90 -36.82 -4.62
N GLN C 257 -31.32 -37.26 -3.43
CA GLN C 257 -30.77 -36.73 -2.19
C GLN C 257 -30.11 -37.84 -1.37
N THR C 258 -28.93 -37.55 -0.81
CA THR C 258 -28.20 -38.51 0.01
C THR C 258 -27.83 -37.96 1.38
N ASP C 259 -27.66 -38.84 2.36
CA ASP C 259 -27.21 -38.43 3.69
C ASP C 259 -25.71 -38.67 3.84
N LEU C 260 -25.21 -38.55 5.06
CA LEU C 260 -23.76 -38.47 5.31
C LEU C 260 -23.01 -39.80 5.24
N THR C 261 -23.72 -40.91 5.36
CA THR C 261 -23.07 -42.23 5.32
C THR C 261 -23.80 -43.18 4.38
N GLY C 262 -23.10 -44.24 3.97
CA GLY C 262 -23.69 -45.28 3.15
C GLY C 262 -23.88 -44.87 1.71
N GLN C 263 -22.92 -45.22 0.86
CA GLN C 263 -23.00 -44.87 -0.55
C GLN C 263 -22.86 -46.12 -1.39
N LYS C 264 -23.65 -46.21 -2.45
CA LYS C 264 -23.59 -47.39 -3.31
C LYS C 264 -23.45 -46.98 -4.78
N LYS C 265 -23.76 -47.91 -5.69
CA LYS C 265 -23.44 -47.75 -7.10
C LYS C 265 -24.14 -46.55 -7.73
N GLY C 266 -25.37 -46.28 -7.30
CA GLY C 266 -26.12 -45.17 -7.85
C GLY C 266 -27.13 -45.64 -8.88
N TRP C 267 -27.50 -44.75 -9.80
CA TRP C 267 -28.51 -45.08 -10.79
C TRP C 267 -28.19 -44.47 -12.15
N LYS C 268 -28.84 -44.99 -13.18
CA LYS C 268 -28.73 -44.45 -14.53
C LYS C 268 -30.07 -44.66 -15.24
N LEU C 269 -30.69 -43.58 -15.70
CA LEU C 269 -31.97 -43.69 -16.37
C LEU C 269 -31.94 -43.08 -17.76
N ARG C 270 -33.02 -43.33 -18.51
CA ARG C 270 -33.20 -42.74 -19.82
C ARG C 270 -34.56 -42.06 -19.85
N TYR C 271 -34.62 -40.87 -20.43
CA TYR C 271 -35.89 -40.20 -20.61
C TYR C 271 -36.12 -39.97 -22.09
N HIS C 272 -37.37 -39.95 -22.51
CA HIS C 272 -37.71 -39.59 -23.89
C HIS C 272 -39.10 -38.98 -23.95
N GLY C 273 -39.33 -38.15 -24.97
CA GLY C 273 -40.63 -37.53 -25.13
C GLY C 273 -41.61 -38.43 -25.86
N ASP C 274 -42.89 -38.30 -25.52
CA ASP C 274 -43.95 -39.05 -26.15
C ASP C 274 -45.13 -38.14 -26.42
N PRO C 275 -45.55 -38.05 -27.69
CA PRO C 275 -46.66 -37.19 -28.11
C PRO C 275 -47.96 -37.47 -27.37
N MET C 276 -48.72 -36.42 -27.06
CA MET C 276 -50.01 -36.57 -26.40
C MET C 276 -51.11 -35.87 -27.19
N PRO D 1 27.39 41.39 -9.99
CA PRO D 1 28.23 40.33 -10.56
C PRO D 1 29.73 40.60 -10.36
N THR D 2 30.32 39.93 -9.36
CA THR D 2 31.71 40.17 -9.03
C THR D 2 32.49 38.86 -8.98
N MET D 3 33.81 38.95 -8.96
CA MET D 3 34.64 37.75 -8.88
C MET D 3 35.14 37.57 -7.45
N TYR D 4 35.13 38.66 -6.70
CA TYR D 4 35.62 38.68 -5.33
C TYR D 4 35.08 39.87 -4.55
N GLY D 5 35.43 39.96 -3.28
CA GLY D 5 35.01 41.07 -2.45
C GLY D 5 35.11 40.77 -0.96
N GLU D 6 34.91 41.80 -0.13
CA GLU D 6 34.97 41.63 1.32
C GLU D 6 33.64 41.97 1.98
N ILE D 7 33.41 41.41 3.17
CA ILE D 7 32.21 41.69 3.95
C ILE D 7 32.61 41.97 5.39
N LEU D 8 32.54 43.24 5.79
CA LEU D 8 32.93 43.63 7.14
C LEU D 8 31.72 43.93 8.01
N SER D 9 31.82 43.55 9.29
CA SER D 9 30.78 43.86 10.25
C SER D 9 30.71 45.37 10.43
N PRO D 10 29.54 45.89 10.81
CA PRO D 10 29.41 47.32 11.07
C PRO D 10 30.44 47.80 12.08
N ASN D 11 31.22 48.81 11.71
CA ASN D 11 32.22 49.45 12.58
C ASN D 11 33.45 48.58 12.83
N TYR D 12 33.66 47.56 12.00
CA TYR D 12 34.90 46.77 12.02
C TYR D 12 36.07 47.70 11.72
N PRO D 13 37.22 47.50 12.41
CA PRO D 13 37.59 46.46 13.37
C PRO D 13 37.19 46.78 14.80
N GLN D 14 36.40 47.83 14.99
CA GLN D 14 35.98 48.22 16.34
C GLN D 14 34.71 47.47 16.72
N ALA D 15 34.16 47.82 17.88
CA ALA D 15 32.99 47.11 18.39
C ALA D 15 31.78 47.34 17.50
N TYR D 16 31.00 46.29 17.27
CA TYR D 16 29.81 46.46 16.44
C TYR D 16 28.70 47.02 17.31
N PRO D 17 27.87 47.90 16.73
CA PRO D 17 26.77 48.52 17.48
C PRO D 17 25.76 47.47 17.94
N SER D 18 25.02 47.78 19.00
CA SER D 18 23.94 46.91 19.44
C SER D 18 22.68 47.28 18.66
N GLU D 19 21.74 46.33 18.57
CA GLU D 19 20.49 46.53 17.86
C GLU D 19 20.74 47.00 16.42
N VAL D 20 21.45 46.18 15.64
CA VAL D 20 21.66 46.46 14.22
C VAL D 20 21.23 45.26 13.39
N GLU D 21 20.92 45.49 12.12
CA GLU D 21 20.50 44.43 11.22
C GLU D 21 20.89 44.74 9.77
N LYS D 22 22.07 44.27 9.37
CA LYS D 22 22.58 44.53 8.03
C LYS D 22 22.61 43.24 7.20
N SER D 23 22.36 43.37 5.91
CA SER D 23 22.34 42.20 5.02
C SER D 23 23.20 42.43 3.79
N TRP D 24 23.86 41.37 3.33
CA TRP D 24 24.70 41.46 2.14
C TRP D 24 24.27 40.43 1.10
N ASP D 25 24.02 40.90 -0.12
CA ASP D 25 23.71 40.01 -1.22
C ASP D 25 24.90 39.96 -2.18
N ILE D 26 25.61 38.84 -2.21
CA ILE D 26 26.76 38.74 -3.11
C ILE D 26 26.41 37.89 -4.32
N GLU D 27 26.88 38.31 -5.48
CA GLU D 27 26.55 37.65 -6.74
C GLU D 27 27.77 37.53 -7.63
N VAL D 28 28.09 36.30 -8.01
CA VAL D 28 29.16 36.05 -8.98
C VAL D 28 28.52 35.58 -10.30
N PRO D 29 29.28 35.66 -11.41
CA PRO D 29 28.68 35.28 -12.71
C PRO D 29 28.23 33.82 -12.76
N GLU D 30 27.47 33.48 -13.79
CA GLU D 30 26.99 32.12 -13.98
C GLU D 30 28.11 31.21 -14.49
N GLY D 31 28.10 29.96 -14.04
CA GLY D 31 29.18 29.04 -14.33
C GLY D 31 30.18 29.06 -13.19
N TYR D 32 29.90 29.89 -12.19
CA TYR D 32 30.77 30.00 -11.02
C TYR D 32 30.06 29.65 -9.71
N GLY D 33 30.83 29.15 -8.76
CA GLY D 33 30.34 28.95 -7.40
C GLY D 33 30.92 30.06 -6.53
N ILE D 34 30.85 29.89 -5.22
CA ILE D 34 31.35 30.91 -4.29
C ILE D 34 32.10 30.28 -3.12
N HIS D 35 33.32 30.76 -2.88
CA HIS D 35 34.07 30.38 -1.70
C HIS D 35 34.07 31.54 -0.72
N LEU D 36 33.36 31.37 0.40
CA LEU D 36 33.28 32.40 1.42
C LEU D 36 34.07 31.97 2.65
N TYR D 37 35.01 32.79 3.10
CA TYR D 37 35.82 32.44 4.26
C TYR D 37 35.94 33.59 5.25
N PHE D 38 35.91 33.24 6.53
CA PHE D 38 35.97 34.22 7.62
C PHE D 38 37.37 34.31 8.20
N THR D 39 37.89 35.53 8.29
CA THR D 39 39.24 35.77 8.78
C THR D 39 39.22 36.36 10.18
N HIS D 40 38.03 36.74 10.65
CA HIS D 40 37.89 37.36 11.96
C HIS D 40 36.50 37.05 12.52
N LEU D 41 36.45 36.61 13.77
CA LEU D 41 35.17 36.31 14.40
C LEU D 41 35.20 36.64 15.89
N ASP D 42 34.47 37.68 16.26
CA ASP D 42 34.39 38.11 17.65
C ASP D 42 32.97 38.58 17.95
N ILE D 43 32.09 37.63 18.25
CA ILE D 43 30.67 37.91 18.40
C ILE D 43 30.13 37.33 19.71
N GLU D 44 29.15 38.01 20.32
CA GLU D 44 28.52 37.55 21.55
C GLU D 44 27.95 36.14 21.45
N LEU D 45 28.39 35.28 22.35
CA LEU D 45 28.02 33.86 22.35
C LEU D 45 26.66 33.61 23.00
N SER D 46 25.88 32.71 22.41
CA SER D 46 24.57 32.32 22.92
C SER D 46 24.17 30.96 22.38
N GLU D 47 23.19 30.32 23.01
CA GLU D 47 22.73 29.01 22.56
C GLU D 47 22.09 29.11 21.19
N ASN D 48 22.57 28.30 20.25
CA ASN D 48 22.11 28.35 18.85
C ASN D 48 22.24 29.75 18.25
N CYS D 49 23.13 30.55 18.82
CA CYS D 49 23.39 31.92 18.38
C CYS D 49 22.12 32.77 18.32
N ALA D 50 21.35 32.74 19.41
CA ALA D 50 20.06 33.41 19.46
C ALA D 50 20.17 34.93 19.47
N TYR D 51 21.09 35.46 20.29
CA TYR D 51 21.19 36.90 20.49
C TYR D 51 21.87 37.58 19.30
N ASP D 52 23.19 37.44 19.22
CA ASP D 52 23.96 37.99 18.11
C ASP D 52 24.46 36.87 17.21
N SER D 53 24.41 37.10 15.90
CA SER D 53 24.82 36.07 14.94
C SER D 53 25.09 36.65 13.56
N VAL D 54 25.95 35.97 12.81
CA VAL D 54 26.10 36.22 11.38
C VAL D 54 25.62 34.97 10.66
N GLN D 55 24.77 35.15 9.67
CA GLN D 55 24.06 34.03 9.07
C GLN D 55 24.40 33.91 7.59
N ILE D 56 24.62 32.68 7.13
CA ILE D 56 24.93 32.44 5.72
C ILE D 56 23.84 31.61 5.06
N ILE D 57 23.20 32.18 4.03
CA ILE D 57 22.15 31.49 3.30
C ILE D 57 22.50 31.43 1.81
N SER D 58 22.63 30.22 1.28
CA SER D 58 22.95 30.03 -0.13
C SER D 58 21.74 29.46 -0.85
N GLY D 59 21.36 30.11 -1.95
CA GLY D 59 20.17 29.72 -2.67
C GLY D 59 18.95 29.81 -1.77
N ASP D 60 18.48 28.66 -1.31
CA ASP D 60 17.25 28.59 -0.54
C ASP D 60 17.41 27.91 0.82
N THR D 61 18.61 27.44 1.14
CA THR D 61 18.82 26.74 2.40
C THR D 61 19.82 27.49 3.26
N GLU D 62 19.76 27.26 4.57
CA GLU D 62 20.64 27.94 5.50
C GLU D 62 21.95 27.16 5.59
N GLU D 63 23.04 27.79 5.17
CA GLU D 63 24.34 27.12 5.14
C GLU D 63 25.00 27.16 6.50
N GLY D 64 24.71 28.21 7.27
CA GLY D 64 25.33 28.35 8.58
C GLY D 64 24.87 29.53 9.42
N ARG D 65 25.11 29.41 10.72
CA ARG D 65 24.85 30.47 11.68
C ARG D 65 26.03 30.52 12.65
N LEU D 66 26.66 31.68 12.76
CA LEU D 66 27.93 31.80 13.46
C LEU D 66 27.90 32.85 14.57
N CYS D 67 28.47 32.47 15.71
CA CYS D 67 28.64 33.39 16.83
C CYS D 67 29.81 32.91 17.68
N GLY D 68 30.08 33.63 18.76
CA GLY D 68 31.18 33.27 19.64
C GLY D 68 32.48 33.97 19.32
N GLN D 69 33.56 33.50 19.95
CA GLN D 69 34.89 34.08 19.79
C GLN D 69 35.89 32.96 19.53
N ARG D 70 36.38 32.89 18.29
CA ARG D 70 37.31 31.83 17.93
C ARG D 70 38.41 32.36 17.02
N SER D 71 39.62 31.84 17.20
CA SER D 71 40.76 32.28 16.40
C SER D 71 41.29 31.13 15.56
N SER D 72 42.28 31.43 14.73
CA SER D 72 42.89 30.41 13.87
C SER D 72 44.04 29.71 14.58
N ASN D 73 43.88 28.42 14.83
CA ASN D 73 44.92 27.63 15.47
C ASN D 73 46.01 27.27 14.46
N ASN D 74 45.68 27.43 13.17
CA ASN D 74 46.64 27.22 12.11
C ASN D 74 47.37 28.53 11.82
N PRO D 75 48.68 28.56 12.09
CA PRO D 75 49.51 29.76 11.90
C PRO D 75 49.68 30.13 10.43
N HIS D 76 49.33 29.20 9.54
CA HIS D 76 49.51 29.40 8.10
C HIS D 76 48.23 29.84 7.40
N SER D 77 47.20 30.18 8.17
CA SER D 77 45.95 30.69 7.61
C SER D 77 45.17 31.49 8.64
N PRO D 78 44.59 32.62 8.22
CA PRO D 78 43.77 33.46 9.09
C PRO D 78 42.31 33.03 9.09
N ILE D 79 42.00 32.00 8.30
CA ILE D 79 40.63 31.54 8.13
C ILE D 79 40.16 30.74 9.34
N VAL D 80 38.97 31.07 9.85
CA VAL D 80 38.42 30.41 11.03
C VAL D 80 37.17 29.62 10.70
N GLU D 81 36.42 30.10 9.71
CA GLU D 81 35.23 29.41 9.21
C GLU D 81 35.11 29.68 7.72
N GLU D 82 34.73 28.67 6.95
CA GLU D 82 34.57 28.85 5.50
C GLU D 82 33.41 28.06 4.90
N PHE D 83 32.98 28.48 3.71
CA PHE D 83 31.87 27.84 3.01
C PHE D 83 32.16 27.72 1.52
N GLN D 84 31.76 26.60 0.94
CA GLN D 84 31.92 26.36 -0.48
C GLN D 84 30.56 26.00 -1.07
N VAL D 85 30.02 26.87 -1.91
CA VAL D 85 28.71 26.64 -2.50
C VAL D 85 28.75 26.65 -4.04
N PRO D 86 27.94 25.79 -4.67
CA PRO D 86 27.91 25.66 -6.12
C PRO D 86 26.93 26.62 -6.79
N TYR D 87 26.45 27.61 -6.04
CA TYR D 87 25.53 28.59 -6.60
C TYR D 87 26.26 29.91 -6.82
N ASN D 88 25.71 30.75 -7.70
CA ASN D 88 26.33 32.02 -8.03
C ASN D 88 25.81 33.14 -7.14
N LYS D 89 24.93 32.79 -6.21
CA LYS D 89 24.38 33.77 -5.29
C LYS D 89 24.49 33.29 -3.85
N LEU D 90 24.66 34.23 -2.94
CA LEU D 90 24.85 33.93 -1.53
C LEU D 90 24.39 35.13 -0.70
N GLN D 91 23.82 34.87 0.46
CA GLN D 91 23.30 35.94 1.31
C GLN D 91 23.88 35.86 2.72
N VAL D 92 24.36 37.00 3.21
CA VAL D 92 24.89 37.07 4.56
C VAL D 92 24.12 38.10 5.38
N ILE D 93 23.72 37.71 6.59
CA ILE D 93 22.96 38.61 7.46
C ILE D 93 23.61 38.68 8.83
N PHE D 94 23.78 39.91 9.34
CA PHE D 94 24.34 40.11 10.66
C PHE D 94 23.32 40.76 11.59
N LYS D 95 23.07 40.11 12.72
CA LYS D 95 22.12 40.62 13.70
C LYS D 95 22.78 40.84 15.05
N SER D 96 22.53 42.01 15.63
CA SER D 96 23.00 42.34 16.96
C SER D 96 21.83 42.69 17.86
N ASP D 97 21.87 42.26 19.12
CA ASP D 97 20.73 42.45 20.02
C ASP D 97 20.83 43.80 20.74
N PHE D 98 20.06 43.94 21.81
CA PHE D 98 19.94 45.22 22.52
C PHE D 98 21.25 45.72 23.14
N SER D 99 22.05 44.83 23.72
CA SER D 99 23.25 45.26 24.44
C SER D 99 24.45 44.33 24.31
N ASN D 100 25.64 44.90 24.47
CA ASN D 100 26.91 44.19 24.38
C ASN D 100 27.70 44.34 25.68
N GLU D 101 27.70 43.30 26.52
CA GLU D 101 28.34 43.40 27.83
C GLU D 101 29.85 43.58 27.71
N GLU D 102 30.50 42.77 26.87
CA GLU D 102 31.91 42.99 26.59
C GLU D 102 32.01 43.75 25.28
N ARG D 103 33.22 44.16 24.93
CA ARG D 103 33.42 44.91 23.70
C ARG D 103 33.75 43.94 22.57
N PHE D 104 32.75 43.58 21.77
CA PHE D 104 32.93 42.60 20.69
C PHE D 104 33.04 43.28 19.33
N THR D 105 33.97 42.80 18.51
CA THR D 105 34.36 43.49 17.29
C THR D 105 33.77 42.92 16.00
N GLY D 106 32.94 41.89 16.11
CA GLY D 106 32.22 41.39 14.94
C GLY D 106 32.97 40.37 14.10
N PHE D 107 33.04 40.62 12.80
CA PHE D 107 33.61 39.66 11.86
C PHE D 107 34.18 40.30 10.60
N ALA D 108 35.15 39.62 10.00
CA ALA D 108 35.64 39.96 8.67
C ALA D 108 35.54 38.72 7.79
N ALA D 109 35.13 38.91 6.55
CA ALA D 109 34.96 37.78 5.64
C ALA D 109 35.19 38.20 4.20
N TYR D 110 35.69 37.26 3.41
CA TYR D 110 35.97 37.52 2.01
C TYR D 110 35.36 36.42 1.16
N TYR D 111 35.04 36.72 -0.09
CA TYR D 111 34.53 35.71 -1.00
C TYR D 111 35.20 35.80 -2.36
N VAL D 112 35.42 34.64 -2.97
CA VAL D 112 35.94 34.61 -4.33
C VAL D 112 35.08 33.67 -5.18
N ALA D 113 34.96 33.98 -6.47
CA ALA D 113 34.22 33.10 -7.38
C ALA D 113 35.07 31.91 -7.75
N THR D 114 34.47 30.73 -7.75
CA THR D 114 35.17 29.51 -8.15
C THR D 114 34.52 28.94 -9.40
N ASP D 115 35.32 28.44 -10.32
CA ASP D 115 34.76 27.84 -11.53
C ASP D 115 34.07 26.53 -11.18
N ILE D 116 32.97 26.24 -11.88
CA ILE D 116 32.30 24.96 -11.73
C ILE D 116 32.76 24.05 -12.87
N ASN D 117 33.08 22.80 -12.54
CA ASN D 117 33.46 21.83 -13.56
C ASN D 117 32.22 21.09 -14.06
N GLU D 118 31.59 21.66 -15.09
CA GLU D 118 30.37 21.10 -15.65
C GLU D 118 30.56 19.68 -16.19
N CYS D 119 31.82 19.32 -16.45
CA CYS D 119 32.13 17.99 -16.98
C CYS D 119 32.12 16.91 -15.91
N THR D 120 32.32 17.30 -14.66
CA THR D 120 32.47 16.32 -13.57
C THR D 120 31.50 16.55 -12.41
N ASP D 121 31.16 17.81 -12.15
CA ASP D 121 30.35 18.16 -10.99
C ASP D 121 28.89 17.78 -11.19
N PHE D 122 28.43 17.89 -12.45
CA PHE D 122 27.06 17.53 -12.79
C PHE D 122 26.83 16.04 -12.57
N VAL D 123 25.59 15.67 -12.27
CA VAL D 123 25.25 14.27 -12.03
C VAL D 123 25.24 13.51 -13.37
N ASP D 124 24.90 14.21 -14.45
CA ASP D 124 24.91 13.61 -15.77
C ASP D 124 25.68 14.49 -16.78
N VAL D 125 26.68 13.87 -17.42
CA VAL D 125 27.58 14.56 -18.35
C VAL D 125 26.83 15.23 -19.51
N PRO D 126 27.14 16.52 -19.78
CA PRO D 126 26.45 17.34 -20.77
C PRO D 126 26.95 17.18 -22.20
N CYS D 127 27.79 16.17 -22.45
CA CYS D 127 28.33 15.96 -23.79
C CYS D 127 28.20 14.50 -24.23
N SER D 128 27.94 14.30 -25.51
CA SER D 128 27.76 12.95 -26.04
C SER D 128 29.08 12.21 -26.12
N HIS D 129 30.15 12.94 -26.39
CA HIS D 129 31.46 12.34 -26.53
C HIS D 129 32.46 12.95 -25.56
N PHE D 130 33.09 14.05 -25.94
CA PHE D 130 34.13 14.66 -25.12
C PHE D 130 33.64 15.96 -24.48
N CYS D 131 33.99 16.16 -23.22
CA CYS D 131 33.65 17.39 -22.51
C CYS D 131 34.90 18.21 -22.23
N ASN D 132 34.85 19.50 -22.55
CA ASN D 132 35.99 20.37 -22.32
C ASN D 132 35.63 21.50 -21.36
N ASN D 133 36.11 21.40 -20.12
CA ASN D 133 35.84 22.43 -19.12
C ASN D 133 36.79 23.61 -19.26
N PHE D 134 36.25 24.81 -19.08
CA PHE D 134 37.07 26.00 -18.90
C PHE D 134 36.44 26.91 -17.85
N ILE D 135 37.03 28.07 -17.62
CA ILE D 135 36.58 28.95 -16.55
C ILE D 135 35.38 29.78 -16.98
N GLY D 136 34.26 29.57 -16.30
CA GLY D 136 33.03 30.28 -16.60
C GLY D 136 32.10 29.52 -17.52
N GLY D 137 32.50 28.33 -17.92
CA GLY D 137 31.70 27.52 -18.82
C GLY D 137 32.29 26.17 -19.17
N TYR D 138 31.83 25.62 -20.29
CA TYR D 138 32.31 24.35 -20.80
C TYR D 138 31.90 24.23 -22.26
N PHE D 139 32.57 23.36 -23.01
CA PHE D 139 32.12 23.06 -24.37
C PHE D 139 32.36 21.61 -24.73
N CYS D 140 31.59 21.10 -25.69
CA CYS D 140 31.67 19.72 -26.11
C CYS D 140 32.44 19.62 -27.42
N SER D 141 33.18 18.53 -27.60
CA SER D 141 33.96 18.33 -28.81
C SER D 141 33.73 16.93 -29.36
N CYS D 142 33.99 16.76 -30.65
CA CYS D 142 33.64 15.53 -31.34
C CYS D 142 34.85 14.84 -31.96
N PRO D 143 34.78 13.52 -32.13
CA PRO D 143 35.83 12.76 -32.82
C PRO D 143 35.89 13.14 -34.30
N PRO D 144 36.96 12.77 -35.01
CA PRO D 144 37.09 13.12 -36.43
C PRO D 144 35.88 12.74 -37.26
N GLU D 145 35.47 13.66 -38.15
CA GLU D 145 34.35 13.46 -39.07
C GLU D 145 32.99 13.43 -38.36
N TYR D 146 33.00 13.77 -37.08
CA TYR D 146 31.77 14.00 -36.34
C TYR D 146 31.57 15.51 -36.16
N PHE D 147 30.33 15.93 -35.96
CA PHE D 147 30.06 17.36 -35.85
C PHE D 147 29.05 17.68 -34.76
N LEU D 148 29.20 18.86 -34.17
CA LEU D 148 28.38 19.27 -33.04
C LEU D 148 27.02 19.76 -33.50
N HIS D 149 25.97 19.12 -33.00
CA HIS D 149 24.59 19.47 -33.31
C HIS D 149 24.27 20.90 -32.87
N ASP D 150 23.11 21.41 -33.27
CA ASP D 150 22.71 22.78 -33.01
C ASP D 150 22.47 23.05 -31.52
N ASP D 151 22.43 21.99 -30.72
CA ASP D 151 22.22 22.12 -29.28
C ASP D 151 23.56 22.26 -28.53
N MET D 152 24.65 22.19 -29.28
CA MET D 152 26.00 22.27 -28.73
C MET D 152 26.26 21.21 -27.67
N LYS D 153 25.75 20.01 -27.89
CA LYS D 153 25.88 18.90 -26.94
C LYS D 153 26.17 17.57 -27.63
N ASN D 154 25.50 17.33 -28.75
CA ASN D 154 25.57 16.03 -29.41
C ASN D 154 26.47 16.02 -30.64
N CYS D 155 27.26 14.95 -30.77
CA CYS D 155 28.11 14.76 -31.94
C CYS D 155 27.51 13.67 -32.82
N GLY D 156 27.58 13.86 -34.13
CA GLY D 156 27.09 12.90 -35.09
C GLY D 156 27.73 13.16 -36.43
N VAL D 157 27.62 12.20 -37.34
CA VAL D 157 28.24 12.37 -38.66
C VAL D 157 27.31 13.11 -39.59
N ASN D 158 27.87 13.68 -40.65
CA ASN D 158 27.08 14.34 -41.67
C ASN D 158 26.60 13.33 -42.70
N CYS D 159 25.35 12.90 -42.57
CA CYS D 159 24.78 11.91 -43.47
C CYS D 159 23.44 12.40 -44.01
N SER D 160 23.33 13.71 -44.14
CA SER D 160 22.16 14.34 -44.75
C SER D 160 22.58 15.21 -45.93
N GLY D 161 21.59 15.71 -46.68
CA GLY D 161 21.87 16.63 -47.76
C GLY D 161 21.26 16.27 -49.10
N ASP D 162 21.78 15.22 -49.73
CA ASP D 162 21.38 14.81 -51.07
C ASP D 162 19.87 14.60 -51.22
N VAL D 163 19.29 15.29 -52.20
CA VAL D 163 17.89 15.07 -52.58
C VAL D 163 17.83 14.25 -53.86
N PHE D 164 17.03 13.19 -53.85
CA PHE D 164 16.95 12.29 -55.00
C PHE D 164 15.79 12.66 -55.92
N THR D 165 16.10 12.82 -57.21
CA THR D 165 15.10 13.21 -58.20
C THR D 165 15.04 12.21 -59.35
N ALA D 166 16.05 11.34 -59.43
CA ALA D 166 16.08 10.31 -60.46
C ALA D 166 14.91 9.35 -60.26
N LEU D 167 14.40 8.79 -61.34
CA LEU D 167 13.22 7.92 -61.26
C LEU D 167 13.55 6.58 -60.63
N ILE D 168 14.85 6.26 -60.59
CA ILE D 168 15.35 5.09 -59.87
C ILE D 168 16.65 5.48 -59.17
N GLY D 169 16.91 4.86 -58.03
CA GLY D 169 18.10 5.19 -57.26
C GLY D 169 18.42 4.21 -56.16
N GLU D 170 19.60 4.37 -55.59
CA GLU D 170 20.08 3.46 -54.55
C GLU D 170 20.51 4.25 -53.32
N ILE D 171 20.03 3.84 -52.15
CA ILE D 171 20.37 4.53 -50.91
C ILE D 171 20.85 3.54 -49.87
N ALA D 172 21.87 3.91 -49.11
CA ALA D 172 22.44 3.02 -48.11
C ALA D 172 22.87 3.79 -46.87
N SER D 173 22.85 3.12 -45.73
CA SER D 173 23.31 3.71 -44.48
C SER D 173 24.79 4.03 -44.57
N PRO D 174 25.26 5.02 -43.79
CA PRO D 174 26.68 5.40 -43.83
C PRO D 174 27.62 4.22 -43.60
N ASN D 175 28.72 4.22 -44.35
CA ASN D 175 29.79 3.23 -44.22
C ASN D 175 29.39 1.82 -44.62
N TYR D 176 28.28 1.67 -45.34
CA TYR D 176 27.82 0.33 -45.72
C TYR D 176 28.82 -0.32 -46.68
N PRO D 177 29.14 -1.60 -46.43
CA PRO D 177 28.56 -2.48 -45.41
C PRO D 177 29.32 -2.51 -44.08
N LYS D 178 30.31 -1.65 -43.89
CA LYS D 178 30.97 -1.54 -42.59
C LYS D 178 29.98 -0.93 -41.60
N PRO D 179 30.18 -1.16 -40.29
CA PRO D 179 29.22 -0.68 -39.29
C PRO D 179 28.90 0.82 -39.40
N TYR D 180 27.65 1.17 -39.14
CA TYR D 180 27.19 2.55 -39.27
C TYR D 180 27.62 3.34 -38.03
N PRO D 181 27.57 4.69 -38.10
CA PRO D 181 28.04 5.46 -36.95
C PRO D 181 26.99 5.65 -35.86
N GLU D 182 27.44 6.10 -34.70
CA GLU D 182 26.58 6.29 -33.53
C GLU D 182 26.09 7.73 -33.41
N ASN D 183 25.01 7.92 -32.66
CA ASN D 183 24.52 9.25 -32.31
C ASN D 183 24.25 10.14 -33.53
N SER D 184 23.90 9.52 -34.65
CA SER D 184 23.72 10.25 -35.90
C SER D 184 22.27 10.25 -36.36
N ARG D 185 21.92 11.27 -37.15
CA ARG D 185 20.61 11.32 -37.78
C ARG D 185 20.79 11.55 -39.27
N CYS D 186 20.54 10.50 -40.06
CA CYS D 186 20.68 10.59 -41.49
C CYS D 186 19.32 10.85 -42.12
N GLU D 187 19.28 11.76 -43.08
CA GLU D 187 18.01 12.08 -43.73
C GLU D 187 18.17 12.11 -45.24
N TYR D 188 17.38 11.27 -45.90
CA TYR D 188 17.42 11.15 -47.35
C TYR D 188 16.07 11.58 -47.91
N GLN D 189 16.09 12.50 -48.86
CA GLN D 189 14.85 13.02 -49.43
C GLN D 189 14.70 12.61 -50.88
N ILE D 190 13.60 11.91 -51.18
CA ILE D 190 13.28 11.50 -52.53
C ILE D 190 12.13 12.34 -53.06
N ARG D 191 12.36 13.05 -54.15
CA ARG D 191 11.37 13.97 -54.71
C ARG D 191 11.11 13.67 -56.18
N LEU D 192 9.99 13.02 -56.47
CA LEU D 192 9.63 12.74 -57.85
C LEU D 192 8.57 13.72 -58.31
N GLU D 193 8.42 13.84 -59.63
CA GLU D 193 7.38 14.70 -60.18
C GLU D 193 6.00 14.14 -59.86
N LYS D 194 5.00 15.01 -59.83
CA LYS D 194 3.65 14.61 -59.45
C LYS D 194 3.07 13.66 -60.49
N GLY D 195 2.57 12.51 -60.03
CA GLY D 195 2.02 11.50 -60.91
C GLY D 195 2.68 10.16 -60.65
N PHE D 196 3.78 10.18 -59.92
CA PHE D 196 4.50 8.96 -59.59
C PHE D 196 4.48 8.77 -58.08
N GLN D 197 4.51 7.52 -57.64
CA GLN D 197 4.71 7.21 -56.24
C GLN D 197 6.11 6.65 -56.05
N VAL D 198 6.67 6.80 -54.86
CA VAL D 198 7.96 6.20 -54.57
C VAL D 198 7.75 4.79 -54.05
N VAL D 199 8.33 3.81 -54.74
CA VAL D 199 8.29 2.43 -54.28
C VAL D 199 9.66 2.05 -53.76
N VAL D 200 9.71 1.61 -52.51
CA VAL D 200 10.97 1.22 -51.89
C VAL D 200 11.13 -0.30 -51.95
N THR D 201 12.31 -0.75 -52.35
CA THR D 201 12.59 -2.18 -52.43
C THR D 201 13.80 -2.53 -51.57
N LEU D 202 13.56 -3.29 -50.51
CA LEU D 202 14.62 -3.63 -49.56
C LEU D 202 14.71 -5.14 -49.35
N ARG D 203 15.80 -5.74 -49.80
CA ARG D 203 16.02 -7.17 -49.59
C ARG D 203 16.18 -7.49 -48.10
N ARG D 204 15.57 -8.61 -47.69
CA ARG D 204 15.59 -9.05 -46.29
C ARG D 204 17.00 -9.13 -45.71
N GLU D 205 17.93 -9.63 -46.52
CA GLU D 205 19.29 -9.89 -46.08
C GLU D 205 20.18 -8.65 -46.19
N ASP D 206 19.61 -7.56 -46.71
CA ASP D 206 20.36 -6.32 -46.86
C ASP D 206 20.06 -5.34 -45.74
N PHE D 207 19.64 -5.87 -44.59
CA PHE D 207 19.19 -5.01 -43.49
C PHE D 207 19.60 -5.62 -42.14
N ASP D 208 20.51 -4.94 -41.45
CA ASP D 208 20.95 -5.37 -40.14
C ASP D 208 21.13 -4.17 -39.22
N VAL D 209 20.12 -3.94 -38.37
CA VAL D 209 20.12 -2.80 -37.45
C VAL D 209 20.00 -3.36 -36.04
N GLU D 210 20.58 -2.66 -35.06
CA GLU D 210 20.52 -3.07 -33.65
C GLU D 210 19.12 -3.52 -33.25
N ALA D 211 19.06 -4.62 -32.50
CA ALA D 211 17.79 -5.19 -32.09
C ALA D 211 17.06 -4.26 -31.15
N ALA D 212 15.74 -4.39 -31.11
CA ALA D 212 14.91 -3.56 -30.25
C ALA D 212 15.06 -4.02 -28.81
N ASP D 213 14.68 -3.18 -27.86
CA ASP D 213 14.80 -3.55 -26.45
C ASP D 213 13.79 -4.63 -26.08
N SER D 214 13.81 -5.04 -24.81
CA SER D 214 12.95 -6.10 -24.32
C SER D 214 11.48 -5.76 -24.51
N ALA D 215 11.17 -4.46 -24.43
CA ALA D 215 9.81 -3.98 -24.61
C ALA D 215 9.40 -4.00 -26.08
N GLY D 216 10.38 -4.15 -26.95
CA GLY D 216 10.13 -4.22 -28.38
C GLY D 216 10.27 -2.89 -29.10
N ASN D 217 10.94 -1.94 -28.46
CA ASN D 217 11.12 -0.60 -29.02
C ASN D 217 12.49 -0.42 -29.67
N CYS D 218 12.50 0.17 -30.86
CA CYS D 218 13.73 0.36 -31.62
C CYS D 218 14.58 1.50 -31.06
N LEU D 219 15.86 1.22 -30.85
CA LEU D 219 16.82 2.20 -30.36
C LEU D 219 17.43 2.95 -31.53
N ASP D 220 17.92 2.18 -32.50
CA ASP D 220 18.22 2.69 -33.83
C ASP D 220 16.98 2.45 -34.67
N SER D 221 16.61 3.42 -35.51
CA SER D 221 15.39 3.24 -36.28
C SER D 221 15.53 3.71 -37.72
N LEU D 222 14.90 2.96 -38.62
CA LEU D 222 14.73 3.38 -40.00
C LEU D 222 13.27 3.71 -40.19
N VAL D 223 13.00 4.88 -40.76
CA VAL D 223 11.63 5.35 -40.90
C VAL D 223 11.39 5.94 -42.29
N PHE D 224 10.23 5.61 -42.88
CA PHE D 224 9.82 6.21 -44.13
C PHE D 224 8.65 7.16 -43.86
N VAL D 225 8.79 8.41 -44.29
CA VAL D 225 7.74 9.39 -44.09
C VAL D 225 7.17 9.83 -45.43
N ALA D 226 5.87 9.57 -45.61
CA ALA D 226 5.17 9.97 -46.83
C ALA D 226 4.01 10.86 -46.46
N GLY D 227 4.29 12.16 -46.35
CA GLY D 227 3.30 13.12 -45.87
C GLY D 227 2.89 12.80 -44.45
N ASP D 228 1.71 12.23 -44.29
CA ASP D 228 1.18 11.89 -42.98
C ASP D 228 1.47 10.43 -42.63
N ARG D 229 1.49 9.57 -43.64
CA ARG D 229 1.73 8.16 -43.40
C ARG D 229 3.19 7.89 -43.07
N GLN D 230 3.40 7.03 -42.08
CA GLN D 230 4.75 6.68 -41.64
C GLN D 230 4.96 5.18 -41.75
N PHE D 231 6.14 4.77 -42.23
CA PHE D 231 6.49 3.36 -42.31
C PHE D 231 7.64 3.08 -41.36
N GLY D 232 7.44 2.17 -40.42
CA GLY D 232 8.44 1.89 -39.41
C GLY D 232 8.01 2.39 -38.04
N PRO D 233 8.95 2.51 -37.10
CA PRO D 233 10.41 2.24 -37.21
C PRO D 233 10.76 0.77 -37.47
N TYR D 234 11.91 0.55 -38.10
CA TYR D 234 12.36 -0.81 -38.39
C TYR D 234 13.64 -1.14 -37.62
N CYS D 235 13.73 -2.37 -37.12
CA CYS D 235 14.86 -2.79 -36.30
C CYS D 235 15.22 -4.24 -36.59
N GLY D 236 16.31 -4.71 -35.97
CA GLY D 236 16.60 -6.13 -35.94
C GLY D 236 17.50 -6.67 -37.03
N HIS D 237 17.63 -7.98 -37.05
CA HIS D 237 18.40 -8.69 -38.06
C HIS D 237 17.45 -9.13 -39.17
N GLY D 238 17.55 -8.49 -40.33
CA GLY D 238 16.64 -8.76 -41.43
C GLY D 238 15.49 -7.75 -41.42
N PHE D 239 15.13 -7.27 -42.60
CA PHE D 239 14.07 -6.25 -42.73
C PHE D 239 12.69 -6.80 -42.41
N PRO D 240 12.03 -6.24 -41.39
CA PRO D 240 10.72 -6.72 -40.94
C PRO D 240 9.61 -6.48 -41.95
N GLY D 241 9.72 -5.40 -42.72
CA GLY D 241 8.67 -5.03 -43.66
C GLY D 241 8.67 -5.86 -44.92
N PRO D 242 7.72 -5.58 -45.83
CA PRO D 242 7.59 -6.25 -47.13
C PRO D 242 8.69 -5.84 -48.11
N LEU D 243 8.91 -6.67 -49.13
CA LEU D 243 9.93 -6.39 -50.13
C LEU D 243 9.57 -5.15 -50.95
N ASN D 244 8.29 -5.03 -51.28
CA ASN D 244 7.81 -3.88 -52.03
C ASN D 244 6.89 -3.01 -51.17
N ILE D 245 7.32 -1.78 -50.93
CA ILE D 245 6.55 -0.85 -50.11
C ILE D 245 6.11 0.33 -50.97
N GLU D 246 4.80 0.42 -51.19
CA GLU D 246 4.23 1.52 -51.96
C GLU D 246 3.83 2.64 -51.02
N THR D 247 4.49 3.79 -51.16
CA THR D 247 4.32 4.90 -50.25
C THR D 247 3.14 5.77 -50.66
N LYS D 248 2.67 5.57 -51.89
CA LYS D 248 1.52 6.28 -52.45
C LYS D 248 1.76 7.79 -52.49
N SER D 249 3.02 8.21 -52.47
CA SER D 249 3.36 9.62 -52.52
C SER D 249 4.60 9.87 -53.37
N ASN D 250 4.67 11.04 -53.99
CA ASN D 250 5.79 11.39 -54.85
C ASN D 250 6.95 11.96 -54.07
N ALA D 251 6.73 12.17 -52.76
CA ALA D 251 7.76 12.72 -51.90
C ALA D 251 7.93 11.85 -50.68
N LEU D 252 9.16 11.44 -50.42
CA LEU D 252 9.45 10.55 -49.30
C LEU D 252 10.70 11.00 -48.56
N ASP D 253 10.61 11.02 -47.24
CA ASP D 253 11.77 11.30 -46.40
C ASP D 253 12.21 10.02 -45.71
N ILE D 254 13.48 9.68 -45.86
CA ILE D 254 14.02 8.49 -45.20
C ILE D 254 14.93 8.93 -44.08
N ILE D 255 14.56 8.60 -42.85
CA ILE D 255 15.28 9.06 -41.68
C ILE D 255 15.83 7.90 -40.86
N PHE D 256 17.16 7.79 -40.86
CA PHE D 256 17.84 6.76 -40.09
C PHE D 256 18.50 7.40 -38.87
N GLN D 257 18.03 7.02 -37.68
CA GLN D 257 18.52 7.62 -36.45
C GLN D 257 19.17 6.54 -35.58
N THR D 258 20.31 6.86 -34.99
CA THR D 258 21.02 5.91 -34.14
C THR D 258 21.28 6.48 -32.75
N ASP D 259 21.41 5.61 -31.76
CA ASP D 259 21.75 6.04 -30.40
C ASP D 259 23.25 5.88 -30.19
N LEU D 260 23.68 6.03 -28.93
CA LEU D 260 25.10 6.20 -28.64
C LEU D 260 25.92 4.89 -28.67
N THR D 261 25.25 3.76 -28.54
CA THR D 261 25.93 2.46 -28.51
C THR D 261 25.27 1.43 -29.43
N GLY D 262 26.01 0.37 -29.77
CA GLY D 262 25.46 -0.73 -30.53
C GLY D 262 25.29 -0.43 -32.01
N GLN D 263 26.27 -0.84 -32.81
CA GLN D 263 26.23 -0.58 -34.24
C GLN D 263 26.41 -1.87 -35.03
N LYS D 264 25.65 -2.01 -36.12
CA LYS D 264 25.72 -3.19 -36.96
C LYS D 264 25.94 -2.82 -38.42
N LYS D 265 25.66 -3.77 -39.31
CA LYS D 265 26.03 -3.64 -40.72
C LYS D 265 25.34 -2.46 -41.39
N GLY D 266 24.09 -2.21 -41.02
CA GLY D 266 23.33 -1.14 -41.63
C GLY D 266 22.35 -1.69 -42.66
N TRP D 267 21.99 -0.85 -43.63
CA TRP D 267 21.00 -1.24 -44.63
C TRP D 267 21.31 -0.69 -46.02
N LYS D 268 20.65 -1.27 -47.01
CA LYS D 268 20.75 -0.79 -48.39
C LYS D 268 19.43 -1.03 -49.11
N LEU D 269 18.83 0.04 -49.63
CA LEU D 269 17.57 -0.09 -50.34
C LEU D 269 17.63 0.47 -51.76
N ARG D 270 16.58 0.18 -52.53
CA ARG D 270 16.41 0.72 -53.87
C ARG D 270 15.03 1.34 -54.00
N TYR D 271 14.94 2.48 -54.68
CA TYR D 271 13.63 3.08 -54.94
C TYR D 271 13.40 3.20 -56.43
N HIS D 272 12.12 3.20 -56.82
CA HIS D 272 11.74 3.46 -58.19
C HIS D 272 10.36 4.11 -58.21
N GLY D 273 10.10 4.90 -59.24
CA GLY D 273 8.82 5.57 -59.38
C GLY D 273 7.80 4.66 -60.02
N ASP D 274 6.53 4.86 -59.65
CA ASP D 274 5.45 4.08 -60.24
C ASP D 274 4.30 5.02 -60.56
N PRO D 275 3.87 5.05 -61.83
CA PRO D 275 2.80 5.92 -62.31
C PRO D 275 1.49 5.73 -61.56
N MET D 276 0.76 6.82 -61.36
CA MET D 276 -0.54 6.78 -60.71
C MET D 276 -1.62 7.45 -61.57
NA NA E . -11.96 -15.79 -57.85
CA CA F . -2.56 -17.89 -62.76
CA CA G . -11.68 0.55 -26.03
CA CA H . 4.59 11.93 -3.45
NA NA I . 5.75 7.89 55.36
CA CA J . 6.53 -31.51 -10.21
CA CA K . -5.02 -9.32 24.30
CA CA L . 10.77 2.57 46.88
NA NA M . -23.54 -42.51 -8.75
CA CA N . -26.36 2.44 52.76
CA CA O . -16.13 -18.16 17.79
CA CA P . -26.29 -42.55 2.16
NA NA Q . 32.56 45.28 14.06
CA CA R . 25.18 42.27 21.86
CA CA S . 33.56 25.64 -15.97
CA CA T . 22.82 1.87 -31.83
#